data_6W65
#
_entry.id   6W65
#
_cell.length_a   147.120
_cell.length_b   147.120
_cell.length_c   99.440
_cell.angle_alpha   90.000
_cell.angle_beta   90.000
_cell.angle_gamma   90.000
#
_symmetry.space_group_name_H-M   'P 43 21 2'
#
loop_
_entity.id
_entity.type
_entity.pdbx_description
1 polymer 'Protein mono-ADP-ribosyltransferase PARP16'
2 non-polymer 5-{5-[(piperidin-4-yl)oxy]-2H-isoindol-2-yl}-4-(trifluoromethyl)pyridazin-3(2H)-one
3 non-polymer 'CITRIC ACID'
4 non-polymer GLYCEROL
5 non-polymer 1,2-ETHANEDIOL
6 non-polymer DI(HYDROXYETHYL)ETHER
7 water water
#
_entity_poly.entity_id   1
_entity_poly.type   'polypeptide(L)'
_entity_poly.pdbx_seq_one_letter_code
;SMGWAAAREAAGRDMLAADLRCSLFASALQSYKRDSVLRPFPASYARGDCKDFEALLADASKLPNLKELLQSSGDNHKRA
WDLVSWILSSKVLTIHSAGKAEFEKIQKLTGAPHTPVPAPDFLFEIEYFDPANAKFYETKGERDLIYAFHGSRLENFHSI
IHNGLHCHLNKTSLFGEGTYLTSDLSLALIYSPHGHGWQHSLLGPILSCVAVCEVIDHPDVKCQTKKKDSKEIDRRRARI
KHSEGGDIPPKYFVVTNNQLLRVKYLLVYSQKPPKRA
;
_entity_poly.pdbx_strand_id   A,B,C
#
loop_
_chem_comp.id
_chem_comp.type
_chem_comp.name
_chem_comp.formula
CIT non-polymer 'CITRIC ACID' 'C6 H8 O7'
EDO non-polymer 1,2-ETHANEDIOL 'C2 H6 O2'
GOL non-polymer GLYCEROL 'C3 H8 O3'
PEG non-polymer DI(HYDROXYETHYL)ETHER 'C4 H10 O3'
T9D non-polymer 5-{5-[(piperidin-4-yl)oxy]-2H-isoindol-2-yl}-4-(trifluoromethyl)pyridazin-3(2H)-one 'C18 H17 F3 N4 O2'
#
# COMPACT_ATOMS: atom_id res chain seq x y z
N SER A 1 10.49 21.74 -16.22
CA SER A 1 10.17 21.29 -14.88
C SER A 1 9.47 22.43 -14.14
N MET A 2 8.71 22.11 -13.09
CA MET A 2 8.02 23.11 -12.25
C MET A 2 9.03 24.15 -11.77
N GLY A 3 8.58 25.36 -11.51
CA GLY A 3 9.37 26.36 -10.76
C GLY A 3 9.34 26.03 -9.29
N TRP A 4 10.13 26.72 -8.50
CA TRP A 4 10.34 26.44 -7.07
C TRP A 4 9.03 26.56 -6.29
N ALA A 5 8.27 27.63 -6.51
CA ALA A 5 7.07 27.93 -5.71
C ALA A 5 6.05 26.79 -5.95
N ALA A 6 5.89 26.39 -7.21
CA ALA A 6 5.03 25.29 -7.64
C ALA A 6 5.55 23.98 -7.04
N ALA A 7 6.87 23.78 -6.99
CA ALA A 7 7.42 22.52 -6.46
C ALA A 7 7.15 22.48 -4.95
N ARG A 8 7.28 23.63 -4.31
CA ARG A 8 7.06 23.73 -2.84
C ARG A 8 5.61 23.37 -2.52
N GLU A 9 4.66 23.84 -3.32
CA GLU A 9 3.23 23.51 -3.14
C GLU A 9 3.03 22.00 -3.35
N ALA A 10 3.58 21.42 -4.43
CA ALA A 10 3.37 20.01 -4.78
C ALA A 10 3.95 19.12 -3.67
N ALA A 11 5.12 19.47 -3.15
CA ALA A 11 5.77 18.71 -2.08
C ALA A 11 4.94 18.83 -0.79
N GLY A 12 4.50 20.04 -0.45
CA GLY A 12 3.69 20.28 0.75
C GLY A 12 2.37 19.49 0.74
N ARG A 13 1.77 19.26 -0.43
CA ARG A 13 0.49 18.50 -0.54
C ARG A 13 0.73 17.05 -0.09
N ASP A 14 1.91 16.47 -0.35
CA ASP A 14 2.17 15.04 -0.02
C ASP A 14 3.68 14.81 0.21
N MET A 15 4.12 15.07 1.41
CA MET A 15 5.57 15.12 1.77
C MET A 15 6.16 13.72 1.60
N LEU A 16 5.43 12.67 1.98
CA LEU A 16 5.94 11.28 1.90
C LEU A 16 6.11 10.88 0.43
N ALA A 17 5.20 11.28 -0.46
CA ALA A 17 5.30 10.96 -1.90
C ALA A 17 6.53 11.69 -2.46
N ALA A 18 6.69 12.97 -2.11
CA ALA A 18 7.83 13.78 -2.59
C ALA A 18 9.14 13.15 -2.09
N ASP A 19 9.11 12.74 -0.84
CA ASP A 19 10.26 12.06 -0.19
C ASP A 19 10.59 10.75 -0.92
N LEU A 20 9.57 9.93 -1.20
CA LEU A 20 9.79 8.68 -1.97
C LEU A 20 10.52 9.00 -3.26
N ARG A 21 10.10 10.00 -3.99
CA ARG A 21 10.69 10.31 -5.31
C ARG A 21 12.15 10.73 -5.10
N CYS A 22 12.45 11.51 -4.09
CA CYS A 22 13.85 11.94 -3.78
C CYS A 22 14.68 10.71 -3.37
N SER A 23 14.07 9.76 -2.67
CA SER A 23 14.72 8.52 -2.16
C SER A 23 15.04 7.60 -3.32
N LEU A 24 14.12 7.45 -4.27
CA LEU A 24 14.34 6.53 -5.40
C LEU A 24 15.38 7.14 -6.35
N PHE A 25 15.35 8.45 -6.50
CA PHE A 25 16.35 9.22 -7.27
C PHE A 25 17.73 8.98 -6.62
N ALA A 26 17.84 9.14 -5.30
CA ALA A 26 19.12 8.95 -4.58
C ALA A 26 19.60 7.51 -4.77
N SER A 27 18.70 6.53 -4.69
CA SER A 27 19.07 5.09 -4.85
C SER A 27 19.64 4.83 -6.24
N ALA A 28 19.02 5.37 -7.30
CA ALA A 28 19.45 5.15 -8.70
C ALA A 28 20.79 5.88 -8.93
N LEU A 29 20.94 7.08 -8.37
CA LEU A 29 22.15 7.91 -8.53
C LEU A 29 23.33 7.26 -7.80
N GLN A 30 23.12 6.77 -6.60
CA GLN A 30 24.18 6.18 -5.71
C GLN A 30 24.62 4.81 -6.24
N SER A 31 23.74 4.08 -6.91
CA SER A 31 24.08 2.77 -7.51
C SER A 31 25.26 2.88 -8.48
N TYR A 32 26.13 1.87 -8.53
CA TYR A 32 27.22 1.75 -9.53
C TYR A 32 26.57 1.70 -10.91
N LYS A 33 25.30 1.28 -11.01
CA LYS A 33 24.56 1.17 -12.28
C LYS A 33 23.92 2.51 -12.69
N ARG A 34 24.28 3.61 -12.02
CA ARG A 34 23.71 4.95 -12.24
C ARG A 34 23.63 5.25 -13.74
N ASP A 35 24.69 4.91 -14.49
CA ASP A 35 24.74 5.17 -15.95
C ASP A 35 23.46 4.66 -16.63
N SER A 36 23.01 3.47 -16.29
CA SER A 36 21.85 2.83 -16.98
C SER A 36 20.56 3.06 -16.18
N VAL A 37 20.58 3.22 -14.85
CA VAL A 37 19.31 3.23 -14.06
C VAL A 37 18.84 4.66 -13.77
N LEU A 38 19.72 5.66 -13.77
CA LEU A 38 19.26 7.05 -13.55
C LEU A 38 18.77 7.62 -14.89
N ARG A 39 17.59 7.12 -15.30
CA ARG A 39 16.82 7.56 -16.49
C ARG A 39 15.37 7.68 -16.09
N PRO A 40 14.77 8.88 -16.17
CA PRO A 40 15.40 10.04 -16.78
C PRO A 40 16.51 10.68 -15.93
N PHE A 41 17.40 11.40 -16.62
CA PHE A 41 18.59 12.05 -16.05
C PHE A 41 18.35 13.55 -16.11
N PRO A 42 18.71 14.36 -15.11
CA PRO A 42 18.44 15.80 -15.21
C PRO A 42 19.39 16.50 -16.21
N ALA A 43 18.83 17.10 -17.25
CA ALA A 43 19.54 17.74 -18.39
C ALA A 43 20.51 18.82 -17.91
N SER A 44 20.23 19.49 -16.81
CA SER A 44 21.10 20.54 -16.27
C SER A 44 22.46 19.94 -15.83
N TYR A 45 22.55 18.62 -15.65
CA TYR A 45 23.80 17.94 -15.22
C TYR A 45 24.46 17.22 -16.38
N ALA A 46 23.95 17.42 -17.60
CA ALA A 46 24.47 16.81 -18.86
C ALA A 46 25.01 17.94 -19.73
N ARG A 47 26.15 17.71 -20.40
CA ARG A 47 26.68 18.52 -21.52
C ARG A 47 26.49 17.69 -22.79
N GLY A 48 25.33 17.83 -23.43
CA GLY A 48 24.91 16.97 -24.55
C GLY A 48 24.84 15.53 -24.12
N ASP A 49 25.73 14.71 -24.65
CA ASP A 49 25.89 13.24 -24.42
C ASP A 49 26.55 12.95 -23.07
N CYS A 50 27.23 13.93 -22.49
CA CYS A 50 28.16 13.71 -21.36
C CYS A 50 27.43 13.99 -20.05
N LYS A 51 27.15 12.95 -19.28
CA LYS A 51 26.42 13.08 -17.99
C LYS A 51 27.42 13.27 -16.87
N ASP A 52 27.33 14.39 -16.17
CA ASP A 52 28.27 14.72 -15.08
C ASP A 52 27.76 14.10 -13.76
N PHE A 53 27.97 12.80 -13.59
CA PHE A 53 27.52 12.05 -12.39
C PHE A 53 28.23 12.54 -11.13
N GLU A 54 29.49 12.95 -11.22
CA GLU A 54 30.20 13.42 -10.02
C GLU A 54 29.53 14.72 -9.53
N ALA A 55 29.24 15.68 -10.40
CA ALA A 55 28.58 16.95 -10.01
C ALA A 55 27.19 16.63 -9.42
N LEU A 56 26.48 15.64 -9.99
CA LEU A 56 25.11 15.31 -9.53
C LEU A 56 25.19 14.62 -8.17
N LEU A 57 26.09 13.67 -7.99
CA LEU A 57 26.31 13.03 -6.66
C LEU A 57 26.64 14.09 -5.62
N ALA A 58 27.54 15.02 -5.94
CA ALA A 58 27.91 16.07 -4.99
C ALA A 58 26.67 16.89 -4.60
N ASP A 59 25.90 17.39 -5.57
CA ASP A 59 24.69 18.22 -5.30
C ASP A 59 23.64 17.40 -4.55
N ALA A 60 23.42 16.13 -4.90
CA ALA A 60 22.45 15.26 -4.17
C ALA A 60 22.86 15.15 -2.68
N SER A 61 24.16 15.12 -2.40
CA SER A 61 24.74 14.99 -1.03
C SER A 61 24.47 16.25 -0.23
N LYS A 62 24.32 17.39 -0.90
CA LYS A 62 24.09 18.71 -0.27
C LYS A 62 22.59 18.96 -0.09
N LEU A 63 21.67 18.10 -0.57
CA LEU A 63 20.24 18.37 -0.33
C LEU A 63 19.97 18.25 1.18
N PRO A 64 19.23 19.21 1.76
CA PRO A 64 18.69 19.06 3.10
C PRO A 64 17.46 18.15 3.08
N ASN A 65 17.01 17.74 4.25
CA ASN A 65 15.74 16.97 4.33
C ASN A 65 14.62 17.87 3.79
N LEU A 66 13.53 17.28 3.33
CA LEU A 66 12.41 18.02 2.70
CA LEU A 66 12.41 18.03 2.69
C LEU A 66 11.77 19.00 3.69
N LYS A 67 11.67 18.65 4.98
CA LYS A 67 11.08 19.63 5.95
C LYS A 67 11.93 20.90 5.95
N GLU A 68 13.26 20.79 5.97
CA GLU A 68 14.13 21.97 6.00
C GLU A 68 14.01 22.68 4.68
N LEU A 69 14.02 21.94 3.57
CA LEU A 69 13.94 22.57 2.24
C LEU A 69 12.68 23.45 2.18
N LEU A 70 11.54 22.97 2.67
CA LEU A 70 10.25 23.70 2.57
C LEU A 70 10.14 24.84 3.59
N GLN A 71 10.63 24.65 4.80
CA GLN A 71 10.06 25.38 5.97
C GLN A 71 10.81 26.69 6.12
N SER A 72 12.08 26.70 5.73
CA SER A 72 12.91 27.92 5.65
C SER A 72 12.96 28.34 4.19
N SER A 73 13.71 27.59 3.37
CA SER A 73 14.42 28.08 2.16
C SER A 73 13.45 28.60 1.09
N GLY A 74 13.83 29.68 0.39
CA GLY A 74 13.16 30.18 -0.83
C GLY A 74 14.21 30.47 -1.89
N ASP A 75 15.25 31.22 -1.49
CA ASP A 75 16.51 31.46 -2.25
C ASP A 75 17.73 31.12 -1.39
N ASN A 76 17.53 30.37 -0.30
CA ASN A 76 18.60 29.84 0.60
C ASN A 76 19.20 28.56 0.00
N HIS A 77 18.49 27.92 -0.95
CA HIS A 77 18.79 26.57 -1.47
C HIS A 77 18.48 26.53 -2.99
N LYS A 78 19.12 27.39 -3.77
CA LYS A 78 18.91 27.55 -5.24
C LYS A 78 19.09 26.21 -5.97
N ARG A 79 20.26 25.59 -5.83
CA ARG A 79 20.65 24.37 -6.56
C ARG A 79 19.73 23.22 -6.10
N ALA A 80 19.42 23.19 -4.80
CA ALA A 80 18.62 22.14 -4.16
C ALA A 80 17.21 22.19 -4.75
N TRP A 81 16.63 23.38 -4.84
CA TRP A 81 15.27 23.60 -5.39
C TRP A 81 15.26 23.27 -6.87
N ASP A 82 16.30 23.62 -7.63
CA ASP A 82 16.40 23.22 -9.06
C ASP A 82 16.34 21.69 -9.17
N LEU A 83 17.08 20.97 -8.32
CA LEU A 83 17.17 19.51 -8.46
C LEU A 83 15.85 18.89 -7.97
N VAL A 84 15.35 19.31 -6.82
CA VAL A 84 14.10 18.73 -6.22
C VAL A 84 12.91 19.06 -7.14
N SER A 85 12.86 20.26 -7.72
CA SER A 85 11.78 20.63 -8.67
C SER A 85 11.77 19.62 -9.81
N TRP A 86 12.97 19.29 -10.34
CA TRP A 86 13.08 18.33 -11.47
C TRP A 86 12.61 16.94 -11.00
N ILE A 87 13.05 16.48 -9.82
CA ILE A 87 12.68 15.14 -9.29
C ILE A 87 11.14 15.03 -9.20
N LEU A 88 10.47 16.10 -8.78
CA LEU A 88 9.00 16.07 -8.50
C LEU A 88 8.16 16.39 -9.74
N SER A 89 8.79 16.75 -10.86
CA SER A 89 8.10 17.15 -12.11
C SER A 89 7.81 15.93 -12.95
N SER A 90 6.62 15.88 -13.54
CA SER A 90 6.23 14.94 -14.60
C SER A 90 4.92 15.42 -15.21
N LYS A 91 4.81 15.36 -16.54
CA LYS A 91 3.59 15.64 -17.32
C LYS A 91 2.79 14.35 -17.50
N VAL A 92 3.35 13.20 -17.10
CA VAL A 92 2.82 11.83 -17.38
C VAL A 92 2.13 11.28 -16.14
N LEU A 93 2.66 11.53 -14.94
CA LEU A 93 2.16 10.84 -13.74
C LEU A 93 2.44 11.63 -12.47
N THR A 94 1.83 11.21 -11.38
CA THR A 94 2.15 11.71 -10.04
C THR A 94 1.95 10.56 -9.07
N ILE A 95 2.46 10.74 -7.85
CA ILE A 95 2.43 9.66 -6.82
C ILE A 95 1.72 10.18 -5.58
N HIS A 96 0.86 9.35 -5.00
CA HIS A 96 0.06 9.69 -3.79
C HIS A 96 0.36 8.70 -2.68
N SER A 97 0.64 9.19 -1.48
CA SER A 97 0.63 8.36 -0.25
C SER A 97 -0.74 7.74 -0.11
N ALA A 98 -0.84 6.49 0.33
CA ALA A 98 -2.14 5.79 0.52
C ALA A 98 -2.15 5.14 1.91
N GLY A 99 -3.33 4.76 2.39
CA GLY A 99 -3.51 4.24 3.77
C GLY A 99 -3.42 2.73 3.83
N LYS A 100 -3.36 2.17 5.03
CA LYS A 100 -3.30 0.70 5.26
C LYS A 100 -4.65 0.08 4.88
N ALA A 101 -5.71 0.89 4.82
CA ALA A 101 -6.98 0.57 4.12
C ALA A 101 -6.65 0.05 2.70
N GLU A 102 -5.79 0.77 1.99
CA GLU A 102 -5.41 0.47 0.59
C GLU A 102 -4.62 -0.85 0.51
N PHE A 103 -3.85 -1.25 1.53
CA PHE A 103 -3.10 -2.55 1.49
C PHE A 103 -4.09 -3.72 1.45
N GLU A 104 -5.16 -3.67 2.26
CA GLU A 104 -6.29 -4.66 2.27
C GLU A 104 -6.85 -4.74 0.84
N LYS A 105 -7.18 -3.58 0.28
CA LYS A 105 -7.71 -3.49 -1.11
C LYS A 105 -6.73 -4.18 -2.07
N ILE A 106 -5.42 -4.01 -1.90
CA ILE A 106 -4.43 -4.61 -2.83
C ILE A 106 -4.48 -6.13 -2.69
N GLN A 107 -4.58 -6.61 -1.46
CA GLN A 107 -4.67 -8.07 -1.15
C GLN A 107 -5.95 -8.62 -1.80
N LYS A 108 -7.07 -7.91 -1.67
CA LYS A 108 -8.35 -8.30 -2.30
C LYS A 108 -8.14 -8.40 -3.82
N LEU A 109 -7.40 -7.47 -4.42
CA LEU A 109 -7.24 -7.40 -5.90
C LEU A 109 -6.23 -8.45 -6.40
N THR A 110 -5.23 -8.82 -5.59
CA THR A 110 -4.11 -9.72 -6.02
C THR A 110 -4.40 -11.16 -5.59
N GLY A 111 -5.15 -11.32 -4.49
CA GLY A 111 -5.48 -12.62 -3.90
C GLY A 111 -5.05 -12.66 -2.45
N ALA A 112 -5.80 -13.37 -1.60
CA ALA A 112 -5.43 -13.73 -0.21
C ALA A 112 -4.08 -14.45 -0.25
N PRO A 113 -3.11 -14.02 0.57
CA PRO A 113 -1.76 -14.60 0.47
C PRO A 113 -1.80 -16.07 0.89
N HIS A 114 -1.17 -16.91 0.09
CA HIS A 114 -0.96 -18.35 0.34
C HIS A 114 0.18 -18.52 1.34
N THR A 115 1.07 -17.52 1.48
CA THR A 115 2.36 -17.59 2.23
C THR A 115 2.42 -16.39 3.17
N PRO A 116 3.05 -16.50 4.35
CA PRO A 116 3.17 -15.33 5.24
C PRO A 116 3.98 -14.23 4.52
N VAL A 117 3.50 -12.99 4.60
CA VAL A 117 4.11 -11.81 3.93
C VAL A 117 4.13 -10.68 4.94
N PRO A 118 5.14 -9.79 4.91
CA PRO A 118 5.15 -8.63 5.79
C PRO A 118 4.24 -7.54 5.20
N ALA A 119 3.65 -6.72 6.06
CA ALA A 119 2.84 -5.55 5.66
C ALA A 119 3.83 -4.41 5.35
N PRO A 120 3.61 -3.65 4.28
CA PRO A 120 4.47 -2.51 3.96
C PRO A 120 4.34 -1.41 5.01
N ASP A 121 5.43 -0.67 5.22
CA ASP A 121 5.47 0.54 6.07
C ASP A 121 4.79 1.70 5.36
N PHE A 122 4.86 1.76 4.03
CA PHE A 122 4.29 2.87 3.24
C PHE A 122 3.73 2.26 1.98
N LEU A 123 2.68 2.87 1.46
CA LEU A 123 2.01 2.40 0.24
C LEU A 123 1.72 3.65 -0.58
N PHE A 124 2.00 3.59 -1.87
CA PHE A 124 1.82 4.73 -2.79
C PHE A 124 1.03 4.24 -3.97
N GLU A 125 0.24 5.15 -4.52
CA GLU A 125 -0.55 4.96 -5.76
C GLU A 125 0.00 5.89 -6.82
N ILE A 126 0.24 5.36 -8.01
CA ILE A 126 0.58 6.17 -9.21
C ILE A 126 -0.70 6.53 -9.97
N GLU A 127 -0.95 7.82 -10.17
CA GLU A 127 -2.01 8.36 -11.05
C GLU A 127 -1.34 8.83 -12.34
N TYR A 128 -1.87 8.33 -13.46
CA TYR A 128 -1.47 8.69 -14.84
C TYR A 128 -2.40 9.80 -15.35
N PHE A 129 -1.81 10.76 -16.06
CA PHE A 129 -2.46 11.83 -16.82
C PHE A 129 -2.49 11.46 -18.31
N ASP A 130 -3.34 12.16 -19.07
CA ASP A 130 -3.44 12.00 -20.53
C ASP A 130 -2.20 12.64 -21.17
N PRO A 131 -1.69 12.12 -22.31
CA PRO A 131 -2.36 11.05 -23.06
C PRO A 131 -2.24 9.61 -22.54
N ALA A 132 -1.28 9.33 -21.65
CA ALA A 132 -0.97 7.94 -21.22
C ALA A 132 -2.21 7.29 -20.57
N ASN A 133 -2.95 8.02 -19.74
CA ASN A 133 -4.09 7.43 -18.99
C ASN A 133 -5.14 6.99 -20.02
N ALA A 134 -5.59 7.88 -20.91
CA ALA A 134 -6.63 7.58 -21.92
C ALA A 134 -6.15 6.45 -22.84
N LYS A 135 -4.87 6.47 -23.25
CA LYS A 135 -4.26 5.45 -24.16
C LYS A 135 -4.38 4.07 -23.51
N PHE A 136 -4.05 3.94 -22.23
CA PHE A 136 -4.13 2.64 -21.51
C PHE A 136 -5.58 2.15 -21.50
N TYR A 137 -6.54 3.04 -21.25
CA TYR A 137 -7.99 2.69 -21.21
C TYR A 137 -8.49 2.40 -22.64
N GLU A 138 -7.98 3.09 -23.67
CA GLU A 138 -8.21 2.74 -25.10
C GLU A 138 -7.72 1.30 -25.35
N THR A 139 -6.48 0.95 -24.97
CA THR A 139 -5.91 -0.42 -25.16
C THR A 139 -6.77 -1.45 -24.42
N LYS A 140 -7.24 -1.10 -23.22
CA LYS A 140 -8.00 -2.02 -22.34
C LYS A 140 -9.33 -2.39 -23.03
N GLY A 141 -9.97 -1.42 -23.71
CA GLY A 141 -11.38 -1.55 -24.12
C GLY A 141 -12.23 -2.09 -22.97
N GLU A 142 -12.83 -3.28 -23.15
CA GLU A 142 -13.77 -3.90 -22.18
C GLU A 142 -13.08 -5.05 -21.41
N ARG A 143 -11.83 -5.37 -21.73
CA ARG A 143 -11.08 -6.48 -21.07
C ARG A 143 -10.99 -6.16 -19.56
N ASP A 144 -10.91 -7.19 -18.72
CA ASP A 144 -10.72 -7.04 -17.26
C ASP A 144 -9.27 -6.58 -17.00
N LEU A 145 -9.07 -5.96 -15.84
CA LEU A 145 -7.72 -5.66 -15.30
C LEU A 145 -7.40 -6.74 -14.27
N ILE A 146 -6.20 -7.32 -14.34
CA ILE A 146 -5.65 -8.12 -13.19
C ILE A 146 -4.46 -7.39 -12.56
N TYR A 147 -4.26 -7.63 -11.28
CA TYR A 147 -3.26 -6.95 -10.41
C TYR A 147 -2.22 -8.01 -10.06
N ALA A 148 -0.95 -7.70 -10.30
CA ALA A 148 0.16 -8.62 -9.99
C ALA A 148 1.39 -7.83 -9.51
N PHE A 149 2.26 -8.52 -8.78
CA PHE A 149 3.45 -7.98 -8.12
C PHE A 149 4.67 -8.20 -9.00
N HIS A 150 5.59 -7.24 -8.93
CA HIS A 150 6.94 -7.31 -9.54
C HIS A 150 7.94 -6.67 -8.59
N GLY A 151 8.79 -7.48 -7.98
CA GLY A 151 9.89 -7.02 -7.14
C GLY A 151 11.06 -6.63 -8.01
N SER A 152 11.87 -5.71 -7.49
CA SER A 152 13.11 -5.24 -8.15
C SER A 152 14.01 -4.62 -7.09
N ARG A 153 15.28 -4.52 -7.42
CA ARG A 153 16.27 -3.76 -6.61
C ARG A 153 15.82 -2.31 -6.56
N LEU A 154 16.05 -1.69 -5.42
CA LEU A 154 15.56 -0.33 -5.16
C LEU A 154 16.01 0.63 -6.27
N GLU A 155 17.25 0.48 -6.75
CA GLU A 155 17.88 1.43 -7.71
C GLU A 155 17.23 1.35 -9.11
N ASN A 156 16.26 0.45 -9.32
CA ASN A 156 15.50 0.37 -10.61
C ASN A 156 14.19 1.18 -10.55
N PHE A 157 13.73 1.62 -9.38
CA PHE A 157 12.33 2.13 -9.26
C PHE A 157 12.20 3.54 -9.82
N HIS A 158 13.25 4.35 -9.81
CA HIS A 158 13.18 5.69 -10.48
C HIS A 158 12.84 5.46 -11.95
N SER A 159 13.55 4.56 -12.61
CA SER A 159 13.32 4.19 -14.04
C SER A 159 11.94 3.52 -14.17
N ILE A 160 11.61 2.58 -13.28
CA ILE A 160 10.31 1.87 -13.40
C ILE A 160 9.17 2.89 -13.37
N ILE A 161 9.19 3.82 -12.45
CA ILE A 161 8.12 4.83 -12.31
CA ILE A 161 8.08 4.79 -12.32
C ILE A 161 8.00 5.62 -13.61
N HIS A 162 9.09 6.18 -14.10
CA HIS A 162 9.05 7.10 -15.26
C HIS A 162 8.95 6.38 -16.63
N ASN A 163 9.49 5.17 -16.77
CA ASN A 163 9.63 4.49 -18.08
C ASN A 163 8.77 3.22 -18.15
N GLY A 164 8.26 2.70 -17.03
CA GLY A 164 7.57 1.39 -16.95
C GLY A 164 8.57 0.25 -16.82
N LEU A 165 8.08 -0.96 -16.60
CA LEU A 165 8.96 -2.14 -16.44
C LEU A 165 9.61 -2.45 -17.80
N HIS A 166 10.88 -2.86 -17.83
CA HIS A 166 11.61 -3.29 -19.07
C HIS A 166 10.99 -4.60 -19.59
N CYS A 167 10.47 -4.61 -20.82
CA CYS A 167 9.82 -5.79 -21.47
C CYS A 167 10.79 -6.41 -22.46
N HIS A 168 11.97 -6.80 -21.99
CA HIS A 168 13.06 -7.51 -22.70
C HIS A 168 12.55 -8.17 -23.99
N LEU A 169 13.25 -8.04 -25.11
CA LEU A 169 12.86 -8.68 -26.40
C LEU A 169 13.99 -9.62 -26.88
N ASN A 170 14.78 -10.16 -25.94
CA ASN A 170 15.99 -10.98 -26.22
C ASN A 170 15.60 -12.47 -26.28
N LYS A 171 15.34 -12.98 -27.49
CA LYS A 171 15.25 -14.44 -27.78
C LYS A 171 16.60 -15.06 -27.39
N THR A 172 17.66 -14.25 -27.45
CA THR A 172 19.03 -14.49 -26.86
C THR A 172 19.00 -14.24 -25.35
N SER A 173 18.40 -15.16 -24.58
CA SER A 173 18.57 -15.28 -23.11
C SER A 173 17.86 -16.53 -22.58
N LEU A 174 18.37 -17.01 -21.45
CA LEU A 174 17.78 -18.09 -20.63
C LEU A 174 16.35 -17.74 -20.21
N PHE A 175 16.03 -16.47 -19.87
CA PHE A 175 14.72 -16.01 -19.34
C PHE A 175 13.77 -15.59 -20.48
N GLY A 176 14.27 -15.65 -21.71
CA GLY A 176 13.59 -15.13 -22.91
C GLY A 176 13.07 -13.72 -22.68
N GLU A 177 12.21 -13.28 -23.62
CA GLU A 177 11.55 -11.95 -23.59
C GLU A 177 10.49 -11.93 -22.49
N GLY A 178 10.22 -10.72 -21.99
CA GLY A 178 9.03 -10.34 -21.22
C GLY A 178 9.37 -9.74 -19.86
N THR A 179 8.33 -9.23 -19.21
CA THR A 179 8.31 -8.80 -17.80
C THR A 179 7.68 -9.92 -16.99
N TYR A 180 8.34 -10.35 -15.91
CA TYR A 180 7.82 -11.39 -15.00
C TYR A 180 7.00 -10.71 -13.90
N LEU A 181 5.84 -11.30 -13.58
CA LEU A 181 4.85 -10.84 -12.57
C LEU A 181 4.35 -12.06 -11.81
N THR A 182 3.80 -11.87 -10.64
CA THR A 182 3.27 -12.97 -9.82
C THR A 182 2.15 -12.41 -8.95
N SER A 183 1.21 -13.26 -8.54
CA SER A 183 0.10 -12.86 -7.65
C SER A 183 0.49 -13.21 -6.23
N ASP A 184 1.64 -13.86 -6.03
CA ASP A 184 2.15 -14.17 -4.65
C ASP A 184 3.26 -13.15 -4.30
N LEU A 185 2.96 -12.27 -3.36
CA LEU A 185 3.87 -11.21 -2.89
C LEU A 185 5.15 -11.84 -2.34
N SER A 186 5.05 -13.03 -1.73
CA SER A 186 6.23 -13.67 -1.08
C SER A 186 7.28 -14.02 -2.15
N LEU A 187 6.85 -14.30 -3.38
CA LEU A 187 7.75 -14.57 -4.53
C LEU A 187 8.31 -13.25 -5.07
N ALA A 188 7.49 -12.20 -5.18
CA ALA A 188 7.95 -10.88 -5.66
C ALA A 188 9.01 -10.33 -4.70
N LEU A 189 8.82 -10.55 -3.41
CA LEU A 189 9.70 -9.96 -2.37
C LEU A 189 11.14 -10.46 -2.49
N ILE A 190 11.32 -11.70 -2.96
N ILE A 190 11.34 -11.69 -2.96
CA ILE A 190 12.66 -12.32 -3.19
CA ILE A 190 12.71 -12.24 -3.11
C ILE A 190 13.43 -11.46 -4.20
C ILE A 190 13.45 -11.45 -4.19
N TYR A 191 12.74 -10.74 -5.08
CA TYR A 191 13.35 -9.87 -6.13
C TYR A 191 13.51 -8.42 -5.61
N SER A 192 13.17 -8.13 -4.36
CA SER A 192 13.17 -6.77 -3.76
C SER A 192 14.04 -6.73 -2.51
N PRO A 193 15.34 -7.03 -2.61
CA PRO A 193 16.23 -6.82 -1.48
C PRO A 193 16.30 -5.33 -1.10
N HIS A 194 16.58 -5.09 0.18
N HIS A 194 16.60 -5.09 0.17
CA HIS A 194 16.84 -3.76 0.78
CA HIS A 194 16.83 -3.76 0.76
C HIS A 194 17.96 -3.09 -0.02
C HIS A 194 17.96 -3.09 -0.01
N GLY A 195 17.82 -1.79 -0.29
CA GLY A 195 18.88 -0.97 -0.89
C GLY A 195 19.01 0.31 -0.09
N HIS A 196 20.03 1.10 -0.36
CA HIS A 196 20.21 2.44 0.24
C HIS A 196 19.34 3.42 -0.56
N GLY A 197 18.47 4.13 0.14
CA GLY A 197 17.75 5.29 -0.37
C GLY A 197 18.49 6.56 0.02
N TRP A 198 17.77 7.50 0.60
CA TRP A 198 18.30 8.83 0.94
C TRP A 198 18.51 8.96 2.44
N GLN A 199 19.71 9.37 2.88
CA GLN A 199 20.01 9.50 4.32
C GLN A 199 19.14 10.58 4.95
N HIS A 200 18.54 11.48 4.20
CA HIS A 200 17.65 12.51 4.80
C HIS A 200 16.16 12.18 4.63
N SER A 201 15.81 10.94 4.33
CA SER A 201 14.41 10.53 4.00
C SER A 201 13.59 10.39 5.31
N LEU A 202 12.36 10.85 5.24
CA LEU A 202 11.26 10.57 6.21
C LEU A 202 10.93 9.07 6.20
N LEU A 203 11.24 8.35 5.14
CA LEU A 203 10.91 6.90 5.04
C LEU A 203 12.00 6.07 5.73
N GLY A 204 13.15 6.66 6.03
CA GLY A 204 14.32 5.92 6.52
C GLY A 204 15.29 5.66 5.38
N PRO A 205 16.55 5.33 5.70
CA PRO A 205 17.63 5.31 4.72
C PRO A 205 17.68 4.02 3.89
N ILE A 206 17.00 2.97 4.35
CA ILE A 206 17.12 1.62 3.75
C ILE A 206 15.73 1.08 3.46
N LEU A 207 15.47 0.79 2.18
CA LEU A 207 14.12 0.52 1.65
C LEU A 207 14.19 -0.70 0.75
N SER A 208 13.10 -1.46 0.73
CA SER A 208 12.72 -2.41 -0.33
C SER A 208 11.42 -1.88 -0.92
N CYS A 209 11.22 -2.16 -2.20
CA CYS A 209 10.04 -1.65 -2.93
C CYS A 209 9.57 -2.76 -3.87
N VAL A 210 8.25 -2.97 -3.89
CA VAL A 210 7.55 -3.93 -4.79
C VAL A 210 6.50 -3.15 -5.60
N ALA A 211 6.50 -3.31 -6.91
CA ALA A 211 5.48 -2.74 -7.81
C ALA A 211 4.23 -3.63 -7.77
N VAL A 212 3.06 -3.01 -7.77
CA VAL A 212 1.75 -3.68 -8.09
C VAL A 212 1.37 -3.13 -9.45
N CYS A 213 1.27 -4.02 -10.45
CA CYS A 213 0.90 -3.67 -11.83
C CYS A 213 -0.57 -3.98 -12.11
N GLU A 214 -1.21 -3.06 -12.81
CA GLU A 214 -2.48 -3.20 -13.53
C GLU A 214 -2.17 -3.82 -14.88
N VAL A 215 -2.64 -5.03 -15.12
CA VAL A 215 -2.41 -5.75 -16.39
C VAL A 215 -3.76 -5.93 -17.10
N ILE A 216 -3.83 -5.50 -18.36
CA ILE A 216 -5.00 -5.76 -19.25
C ILE A 216 -4.97 -7.25 -19.58
N ASP A 217 -6.00 -7.99 -19.15
CA ASP A 217 -6.16 -9.45 -19.41
C ASP A 217 -6.31 -9.68 -20.92
N HIS A 218 -5.32 -10.33 -21.57
CA HIS A 218 -5.15 -10.41 -23.04
C HIS A 218 -4.08 -11.44 -23.42
N ILE A 248 4.48 -24.32 -5.22
CA ILE A 248 5.83 -24.19 -4.60
C ILE A 248 6.91 -24.44 -5.65
N PRO A 249 7.71 -23.43 -6.06
CA PRO A 249 7.41 -22.02 -5.75
C PRO A 249 6.04 -21.61 -6.27
N PRO A 250 5.40 -20.56 -5.69
CA PRO A 250 4.21 -19.93 -6.29
C PRO A 250 4.36 -19.69 -7.81
N LYS A 251 3.23 -19.46 -8.49
CA LYS A 251 3.17 -19.31 -9.98
C LYS A 251 3.47 -17.86 -10.39
N TYR A 252 4.29 -17.71 -11.44
CA TYR A 252 4.57 -16.45 -12.15
C TYR A 252 3.97 -16.52 -13.55
N PHE A 253 3.83 -15.37 -14.21
CA PHE A 253 3.53 -15.24 -15.65
C PHE A 253 4.30 -14.07 -16.27
N VAL A 254 4.22 -13.95 -17.58
CA VAL A 254 5.09 -13.07 -18.40
C VAL A 254 4.23 -12.23 -19.33
N VAL A 255 4.59 -10.95 -19.48
CA VAL A 255 3.92 -9.97 -20.38
C VAL A 255 4.99 -9.41 -21.31
N THR A 256 4.78 -9.55 -22.64
CA THR A 256 5.79 -9.22 -23.68
C THR A 256 5.43 -7.90 -24.33
N ASN A 257 4.18 -7.47 -24.19
CA ASN A 257 3.66 -6.18 -24.74
C ASN A 257 3.53 -5.13 -23.60
N ASN A 258 4.36 -4.09 -23.63
CA ASN A 258 4.43 -3.08 -22.53
C ASN A 258 3.19 -2.18 -22.53
N GLN A 259 2.35 -2.19 -23.58
CA GLN A 259 1.11 -1.37 -23.63
C GLN A 259 0.01 -2.02 -22.78
N LEU A 260 0.22 -3.24 -22.33
CA LEU A 260 -0.80 -4.06 -21.62
C LEU A 260 -0.61 -4.01 -20.09
N LEU A 261 0.38 -3.28 -19.56
CA LEU A 261 0.51 -3.13 -18.09
C LEU A 261 1.03 -1.74 -17.72
N ARG A 262 0.78 -1.35 -16.49
CA ARG A 262 1.38 -0.14 -15.90
C ARG A 262 1.53 -0.39 -14.41
N VAL A 263 2.52 0.28 -13.82
CA VAL A 263 2.71 0.24 -12.35
C VAL A 263 1.64 1.13 -11.73
N LYS A 264 0.88 0.61 -10.78
CA LYS A 264 -0.24 1.31 -10.14
C LYS A 264 0.05 1.60 -8.67
N TYR A 265 0.72 0.70 -7.95
CA TYR A 265 1.08 0.91 -6.53
C TYR A 265 2.56 0.56 -6.32
N LEU A 266 3.12 1.14 -5.27
CA LEU A 266 4.44 0.78 -4.72
C LEU A 266 4.27 0.43 -3.27
N LEU A 267 4.70 -0.77 -2.87
CA LEU A 267 4.76 -1.23 -1.46
C LEU A 267 6.18 -0.95 -1.00
N VAL A 268 6.36 -0.16 0.04
CA VAL A 268 7.70 0.25 0.53
C VAL A 268 7.88 -0.30 1.93
N TYR A 269 8.96 -1.04 2.13
CA TYR A 269 9.38 -1.60 3.43
C TYR A 269 10.65 -0.89 3.89
N SER A 270 10.60 -0.38 5.09
CA SER A 270 11.69 0.40 5.69
C SER A 270 12.38 -0.50 6.72
N GLN A 271 13.68 -0.76 6.58
CA GLN A 271 14.42 -1.65 7.52
C GLN A 271 14.50 -1.00 8.92
N LYS A 272 14.24 -1.77 9.98
CA LYS A 272 14.32 -1.32 11.40
C LYS A 272 15.74 -1.57 11.92
N SER B 1 4.45 -44.05 25.34
CA SER B 1 3.20 -44.09 26.11
C SER B 1 3.31 -43.10 27.27
N MET B 2 2.21 -42.55 27.72
CA MET B 2 2.20 -41.64 28.90
C MET B 2 0.80 -41.63 29.49
N GLY B 3 0.69 -41.54 30.82
CA GLY B 3 -0.57 -41.34 31.54
C GLY B 3 -0.99 -39.87 31.48
N TRP B 4 -2.22 -39.61 31.90
CA TRP B 4 -2.84 -38.28 31.76
C TRP B 4 -2.15 -37.25 32.67
N ALA B 5 -1.65 -37.62 33.87
CA ALA B 5 -1.01 -36.64 34.76
C ALA B 5 0.22 -36.07 34.06
N ALA B 6 1.00 -36.90 33.36
CA ALA B 6 2.18 -36.46 32.58
C ALA B 6 1.73 -35.52 31.45
N ALA B 7 0.61 -35.82 30.80
CA ALA B 7 0.08 -34.91 29.72
C ALA B 7 -0.31 -33.58 30.35
N ARG B 8 -1.01 -33.64 31.48
CA ARG B 8 -1.50 -32.43 32.20
C ARG B 8 -0.30 -31.52 32.54
N GLU B 9 0.78 -32.09 33.01
CA GLU B 9 1.99 -31.31 33.35
C GLU B 9 2.60 -30.73 32.08
N ALA B 10 2.77 -31.53 31.04
CA ALA B 10 3.43 -31.08 29.77
C ALA B 10 2.62 -29.93 29.19
N ALA B 11 1.29 -30.06 29.15
CA ALA B 11 0.43 -29.02 28.55
C ALA B 11 0.44 -27.78 29.44
N GLY B 12 0.32 -27.95 30.76
CA GLY B 12 0.23 -26.81 31.69
C GLY B 12 1.53 -26.02 31.70
N ARG B 13 2.67 -26.71 31.58
CA ARG B 13 3.98 -26.05 31.64
C ARG B 13 4.16 -25.21 30.38
N ASP B 14 3.60 -25.60 29.25
CA ASP B 14 3.79 -24.83 27.99
C ASP B 14 2.62 -25.12 27.05
N MET B 15 1.53 -24.38 27.24
N MET B 15 1.52 -24.39 27.25
CA MET B 15 0.23 -24.63 26.57
CA MET B 15 0.23 -24.67 26.57
C MET B 15 0.40 -24.42 25.07
C MET B 15 0.40 -24.43 25.07
N LEU B 16 1.14 -23.39 24.68
CA LEU B 16 1.29 -23.04 23.25
C LEU B 16 2.10 -24.13 22.56
N ALA B 17 3.15 -24.65 23.19
CA ALA B 17 3.96 -25.73 22.58
C ALA B 17 3.11 -27.00 22.46
N ALA B 18 2.34 -27.34 23.47
CA ALA B 18 1.47 -28.56 23.43
C ALA B 18 0.42 -28.35 22.33
N ASP B 19 -0.11 -27.13 22.23
CA ASP B 19 -1.11 -26.77 21.19
C ASP B 19 -0.45 -26.92 19.79
N LEU B 20 0.76 -26.42 19.60
CA LEU B 20 1.50 -26.64 18.33
C LEU B 20 1.54 -28.14 18.01
N ARG B 21 1.91 -28.97 18.97
CA ARG B 21 2.04 -30.44 18.73
C ARG B 21 0.68 -31.02 18.33
N CYS B 22 -0.41 -30.61 18.97
CA CYS B 22 -1.78 -31.08 18.61
C CYS B 22 -2.15 -30.57 17.22
N SER B 23 -1.72 -29.36 16.86
CA SER B 23 -2.01 -28.68 15.58
C SER B 23 -1.27 -29.39 14.44
N LEU B 24 -0.02 -29.76 14.65
CA LEU B 24 0.79 -30.43 13.62
C LEU B 24 0.29 -31.87 13.44
N PHE B 25 -0.09 -32.52 14.53
CA PHE B 25 -0.73 -33.85 14.50
C PHE B 25 -2.02 -33.73 13.65
N ALA B 26 -2.88 -32.77 13.94
CA ALA B 26 -4.16 -32.60 13.22
C ALA B 26 -3.87 -32.34 11.76
N SER B 27 -2.87 -31.54 11.42
CA SER B 27 -2.53 -31.21 10.01
C SER B 27 -2.14 -32.49 9.26
N ALA B 28 -1.28 -33.33 9.86
CA ALA B 28 -0.82 -34.58 9.24
C ALA B 28 -1.99 -35.59 9.11
N LEU B 29 -2.83 -35.69 10.13
CA LEU B 29 -4.00 -36.61 10.18
C LEU B 29 -5.01 -36.20 9.10
N GLN B 30 -5.32 -34.91 8.99
CA GLN B 30 -6.41 -34.39 8.15
C GLN B 30 -5.98 -34.47 6.68
N SER B 31 -4.66 -34.38 6.41
CA SER B 31 -4.10 -34.47 5.04
C SER B 31 -4.58 -35.74 4.32
N TYR B 32 -4.79 -35.63 3.02
CA TYR B 32 -5.06 -36.79 2.14
C TYR B 32 -3.77 -37.65 2.11
N LYS B 33 -2.60 -37.09 2.45
CA LYS B 33 -1.32 -37.85 2.50
C LYS B 33 -1.12 -38.51 3.88
N ARG B 34 -2.16 -38.60 4.70
CA ARG B 34 -2.07 -39.05 6.12
C ARG B 34 -1.30 -40.36 6.22
N ASP B 35 -1.46 -41.26 5.27
CA ASP B 35 -0.82 -42.60 5.35
C ASP B 35 0.70 -42.40 5.38
N SER B 36 1.24 -41.46 4.63
CA SER B 36 2.70 -41.23 4.65
C SER B 36 3.11 -40.15 5.66
N VAL B 37 2.29 -39.14 5.98
CA VAL B 37 2.79 -37.99 6.80
C VAL B 37 2.49 -38.18 8.28
N LEU B 38 1.44 -38.92 8.66
CA LEU B 38 1.16 -39.18 10.09
C LEU B 38 2.05 -40.32 10.57
N ARG B 39 3.33 -40.01 10.71
CA ARG B 39 4.38 -40.90 11.28
C ARG B 39 5.24 -40.07 12.22
N PRO B 40 5.31 -40.40 13.52
CA PRO B 40 4.69 -41.61 14.05
C PRO B 40 3.17 -41.58 14.14
N PHE B 41 2.57 -42.76 14.16
CA PHE B 41 1.11 -43.02 14.15
C PHE B 41 0.77 -43.62 15.50
N PRO B 42 -0.36 -43.27 16.15
CA PRO B 42 -0.66 -43.85 17.45
C PRO B 42 -1.05 -45.34 17.39
N ALA B 43 -0.26 -46.22 18.01
CA ALA B 43 -0.41 -47.70 17.95
C ALA B 43 -1.80 -48.14 18.45
N SER B 44 -2.44 -47.42 19.37
CA SER B 44 -3.81 -47.74 19.84
C SER B 44 -4.82 -47.69 18.68
N TYR B 45 -4.50 -47.05 17.55
CA TYR B 45 -5.43 -46.92 16.40
C TYR B 45 -4.99 -47.84 15.27
N ALA B 46 -4.01 -48.72 15.50
CA ALA B 46 -3.54 -49.72 14.50
C ALA B 46 -3.96 -51.12 14.92
N ARG B 47 -4.47 -51.93 13.98
CA ARG B 47 -4.77 -53.38 14.13
C ARG B 47 -3.74 -54.12 13.26
N GLY B 48 -2.62 -54.51 13.86
CA GLY B 48 -1.44 -55.01 13.13
C GLY B 48 -1.00 -53.99 12.09
N ASP B 49 -1.15 -54.33 10.81
CA ASP B 49 -0.66 -53.52 9.67
C ASP B 49 -1.73 -52.49 9.25
N CYS B 50 -2.92 -52.50 9.84
CA CYS B 50 -4.08 -51.69 9.39
C CYS B 50 -4.38 -50.47 10.28
N LYS B 51 -4.42 -49.26 9.70
CA LYS B 51 -4.56 -48.00 10.46
C LYS B 51 -6.03 -47.61 10.46
N ASP B 52 -6.63 -47.48 11.63
CA ASP B 52 -8.06 -47.06 11.78
C ASP B 52 -8.16 -45.53 11.72
N PHE B 53 -7.98 -44.96 10.54
CA PHE B 53 -8.00 -43.49 10.30
C PHE B 53 -9.40 -42.95 10.57
N GLU B 54 -10.46 -43.72 10.34
CA GLU B 54 -11.83 -43.22 10.57
C GLU B 54 -12.02 -42.98 12.08
N ALA B 55 -11.63 -43.94 12.93
CA ALA B 55 -11.75 -43.78 14.40
C ALA B 55 -10.89 -42.58 14.83
N LEU B 56 -9.70 -42.43 14.26
CA LEU B 56 -8.71 -41.40 14.67
C LEU B 56 -9.24 -40.03 14.28
N LEU B 57 -9.72 -39.88 13.04
CA LEU B 57 -10.36 -38.61 12.61
C LEU B 57 -11.54 -38.28 13.51
N ALA B 58 -12.40 -39.24 13.82
CA ALA B 58 -13.58 -38.96 14.67
C ALA B 58 -13.14 -38.47 16.07
N ASP B 59 -12.22 -39.19 16.73
CA ASP B 59 -11.74 -38.84 18.09
C ASP B 59 -11.01 -37.49 18.04
N ALA B 60 -10.19 -37.24 17.01
CA ALA B 60 -9.42 -35.98 16.86
C ALA B 60 -10.42 -34.83 16.74
N SER B 61 -11.55 -35.03 16.06
CA SER B 61 -12.57 -33.96 15.83
C SER B 61 -13.28 -33.61 17.16
N LYS B 62 -13.24 -34.48 18.15
CA LYS B 62 -13.87 -34.25 19.48
C LYS B 62 -12.84 -33.74 20.51
N LEU B 63 -11.57 -33.51 20.15
CA LEU B 63 -10.64 -32.83 21.12
C LEU B 63 -11.15 -31.43 21.38
N PRO B 64 -11.35 -30.99 22.63
CA PRO B 64 -11.61 -29.58 22.90
C PRO B 64 -10.28 -28.81 22.90
N ASN B 65 -10.35 -27.48 23.01
CA ASN B 65 -9.15 -26.65 23.15
C ASN B 65 -8.47 -27.07 24.46
N LEU B 66 -7.15 -26.91 24.58
CA LEU B 66 -6.39 -27.47 25.72
C LEU B 66 -6.80 -26.78 27.03
N LYS B 67 -7.15 -25.50 26.99
CA LYS B 67 -7.61 -24.81 28.22
C LYS B 67 -8.86 -25.53 28.74
N GLU B 68 -9.83 -25.81 27.85
CA GLU B 68 -11.08 -26.49 28.26
C GLU B 68 -10.70 -27.90 28.72
N LEU B 69 -9.82 -28.61 28.00
CA LEU B 69 -9.47 -29.99 28.39
C LEU B 69 -8.97 -29.99 29.83
N LEU B 70 -8.09 -29.05 30.18
CA LEU B 70 -7.37 -29.04 31.49
C LEU B 70 -8.28 -28.49 32.60
N GLN B 71 -9.29 -27.67 32.27
CA GLN B 71 -10.14 -27.09 33.33
C GLN B 71 -11.38 -27.99 33.52
N SER B 72 -11.60 -28.98 32.67
CA SER B 72 -12.89 -29.72 32.55
C SER B 72 -13.15 -30.67 33.70
N SER B 73 -14.33 -30.52 34.31
CA SER B 73 -14.87 -31.40 35.38
C SER B 73 -15.34 -32.76 34.81
N GLY B 74 -15.73 -33.66 35.71
CA GLY B 74 -16.24 -35.01 35.39
C GLY B 74 -15.20 -35.80 34.63
N ASP B 75 -15.67 -36.79 33.84
CA ASP B 75 -14.83 -37.87 33.22
C ASP B 75 -15.23 -38.09 31.75
N ASN B 76 -15.44 -37.01 31.00
CA ASN B 76 -16.16 -37.02 29.68
C ASN B 76 -15.18 -36.78 28.52
N HIS B 77 -13.86 -36.97 28.72
CA HIS B 77 -12.82 -36.67 27.70
C HIS B 77 -11.76 -37.76 27.60
N LYS B 78 -12.15 -39.03 27.75
CA LYS B 78 -11.21 -40.18 27.80
C LYS B 78 -10.39 -40.26 26.51
N ARG B 79 -11.03 -40.27 25.35
CA ARG B 79 -10.31 -40.43 24.07
C ARG B 79 -9.39 -39.23 23.82
N ALA B 80 -9.84 -38.03 24.18
CA ALA B 80 -9.08 -36.77 24.00
C ALA B 80 -7.79 -36.84 24.85
N TRP B 81 -7.92 -37.20 26.13
CA TRP B 81 -6.78 -37.32 27.06
C TRP B 81 -5.79 -38.38 26.55
N ASP B 82 -6.30 -39.52 26.09
CA ASP B 82 -5.46 -40.61 25.54
C ASP B 82 -4.68 -40.06 24.34
N LEU B 83 -5.34 -39.31 23.49
CA LEU B 83 -4.70 -38.84 22.25
C LEU B 83 -3.70 -37.73 22.56
N VAL B 84 -4.06 -36.76 23.42
CA VAL B 84 -3.14 -35.65 23.80
C VAL B 84 -1.92 -36.26 24.53
N SER B 85 -2.13 -37.23 25.42
CA SER B 85 -1.04 -37.93 26.14
C SER B 85 -0.07 -38.51 25.11
N TRP B 86 -0.59 -39.18 24.08
CA TRP B 86 0.24 -39.78 23.00
C TRP B 86 0.99 -38.69 22.24
N ILE B 87 0.31 -37.61 21.85
CA ILE B 87 0.93 -36.49 21.10
C ILE B 87 2.13 -35.93 21.88
N LEU B 88 2.02 -35.82 23.21
CA LEU B 88 3.08 -35.20 24.06
C LEU B 88 4.08 -36.22 24.60
N SER B 89 3.99 -37.50 24.20
CA SER B 89 4.65 -38.63 24.92
C SER B 89 6.13 -38.85 24.55
N SER B 90 6.72 -38.13 23.60
CA SER B 90 8.10 -38.44 23.14
C SER B 90 9.01 -38.52 24.38
N LYS B 91 9.87 -39.53 24.43
CA LYS B 91 10.94 -39.68 25.45
C LYS B 91 12.26 -39.16 24.88
N VAL B 92 12.25 -38.69 23.63
CA VAL B 92 13.48 -38.27 22.86
C VAL B 92 13.59 -36.75 22.82
N LEU B 93 12.45 -36.05 22.74
CA LEU B 93 12.49 -34.59 22.62
C LEU B 93 11.26 -33.93 23.24
N THR B 94 11.31 -32.62 23.37
CA THR B 94 10.12 -31.81 23.68
C THR B 94 10.27 -30.45 22.99
N ILE B 95 9.23 -29.63 23.01
CA ILE B 95 9.18 -28.32 22.34
C ILE B 95 8.86 -27.28 23.41
N HIS B 96 9.55 -26.13 23.33
CA HIS B 96 9.35 -24.99 24.24
C HIS B 96 8.98 -23.74 23.44
N SER B 97 8.01 -22.99 23.91
CA SER B 97 7.74 -21.60 23.50
C SER B 97 9.02 -20.80 23.75
N ALA B 98 9.33 -19.87 22.85
CA ALA B 98 10.44 -18.90 23.03
C ALA B 98 9.87 -17.50 22.81
N GLY B 99 10.57 -16.50 23.34
CA GLY B 99 10.18 -15.08 23.26
C GLY B 99 10.74 -14.43 22.01
N LYS B 100 10.18 -13.30 21.59
CA LYS B 100 10.59 -12.59 20.35
C LYS B 100 11.98 -11.96 20.57
N ALA B 101 12.46 -11.89 21.82
CA ALA B 101 13.91 -11.80 22.16
C ALA B 101 14.71 -12.83 21.35
N GLU B 102 14.26 -14.09 21.40
CA GLU B 102 14.94 -15.26 20.79
C GLU B 102 14.89 -15.16 19.25
N PHE B 103 13.88 -14.52 18.65
CA PHE B 103 13.80 -14.33 17.17
C PHE B 103 14.99 -13.49 16.69
N GLU B 104 15.34 -12.41 17.41
CA GLU B 104 16.52 -11.57 17.07
C GLU B 104 17.78 -12.44 17.17
N LYS B 105 17.91 -13.29 18.20
CA LYS B 105 19.05 -14.25 18.28
C LYS B 105 19.08 -15.08 16.99
N ILE B 106 17.94 -15.56 16.50
CA ILE B 106 17.92 -16.44 15.29
C ILE B 106 18.41 -15.64 14.08
N GLN B 107 17.97 -14.38 13.98
CA GLN B 107 18.37 -13.43 12.89
C GLN B 107 19.89 -13.23 12.96
N LYS B 108 20.42 -12.98 14.15
CA LYS B 108 21.88 -12.82 14.36
C LYS B 108 22.59 -14.09 13.89
N LEU B 109 22.05 -15.28 14.17
CA LEU B 109 22.69 -16.58 13.84
C LEU B 109 22.59 -16.90 12.34
N THR B 110 21.53 -16.47 11.67
CA THR B 110 21.25 -16.85 10.24
C THR B 110 21.74 -15.74 9.30
N GLY B 111 21.73 -14.50 9.77
CA GLY B 111 22.11 -13.30 9.01
C GLY B 111 20.97 -12.29 9.04
N ALA B 112 21.32 -10.99 9.08
CA ALA B 112 20.37 -9.86 8.89
C ALA B 112 19.66 -10.04 7.55
N PRO B 113 18.32 -9.99 7.52
CA PRO B 113 17.59 -10.36 6.32
C PRO B 113 17.90 -9.35 5.19
N HIS B 114 18.19 -9.89 4.00
CA HIS B 114 18.44 -9.13 2.76
C HIS B 114 17.10 -8.60 2.23
N THR B 115 15.98 -9.30 2.50
CA THR B 115 14.65 -9.04 1.91
C THR B 115 13.63 -8.93 3.03
N PRO B 116 12.56 -8.14 2.87
CA PRO B 116 11.59 -7.99 3.95
C PRO B 116 10.93 -9.36 4.24
N VAL B 117 10.81 -9.67 5.52
CA VAL B 117 10.28 -10.96 6.04
C VAL B 117 9.28 -10.63 7.12
N PRO B 118 8.21 -11.44 7.25
CA PRO B 118 7.26 -11.23 8.35
C PRO B 118 7.88 -11.80 9.63
N ALA B 119 7.62 -11.16 10.78
CA ALA B 119 8.00 -11.71 12.10
C ALA B 119 7.02 -12.83 12.43
N PRO B 120 7.50 -13.97 12.94
CA PRO B 120 6.60 -15.06 13.35
C PRO B 120 5.68 -14.64 14.48
N ASP B 121 4.44 -15.15 14.46
CA ASP B 121 3.47 -14.99 15.57
C ASP B 121 3.92 -15.81 16.78
N PHE B 122 4.59 -16.94 16.58
CA PHE B 122 5.02 -17.86 17.67
C PHE B 122 6.36 -18.42 17.27
N LEU B 123 7.22 -18.62 18.25
CA LEU B 123 8.56 -19.20 18.01
C LEU B 123 8.75 -20.33 19.02
N PHE B 124 9.29 -21.45 18.58
CA PHE B 124 9.49 -22.62 19.45
C PHE B 124 10.91 -23.11 19.26
N GLU B 125 11.43 -23.71 20.33
CA GLU B 125 12.73 -24.41 20.35
C GLU B 125 12.45 -25.89 20.59
N ILE B 126 13.12 -26.77 19.87
CA ILE B 126 13.16 -28.22 20.14
C ILE B 126 14.35 -28.55 21.07
N GLU B 127 14.07 -29.19 22.21
CA GLU B 127 15.08 -29.74 23.14
C GLU B 127 15.14 -31.24 22.88
N TYR B 128 16.34 -31.72 22.55
CA TYR B 128 16.69 -33.16 22.39
C TYR B 128 17.31 -33.59 23.71
N PHE B 129 16.88 -34.75 24.23
CA PHE B 129 17.39 -35.27 25.52
C PHE B 129 18.64 -36.11 25.25
N ASP B 130 19.41 -36.43 26.28
CA ASP B 130 20.58 -37.36 26.13
C ASP B 130 20.05 -38.78 25.95
N PRO B 131 20.76 -39.65 25.19
CA PRO B 131 22.09 -39.36 24.66
C PRO B 131 22.19 -38.47 23.40
N ALA B 132 21.08 -38.24 22.69
CA ALA B 132 21.05 -37.60 21.35
C ALA B 132 21.75 -36.22 21.38
N ASN B 133 21.55 -35.40 22.42
CA ASN B 133 22.15 -34.04 22.44
C ASN B 133 23.69 -34.14 22.39
N ALA B 134 24.26 -34.88 23.34
CA ALA B 134 25.73 -35.08 23.47
C ALA B 134 26.28 -35.77 22.21
N LYS B 135 25.57 -36.77 21.66
CA LYS B 135 25.98 -37.52 20.45
C LYS B 135 26.16 -36.55 19.27
N PHE B 136 25.23 -35.63 19.07
CA PHE B 136 25.31 -34.63 17.98
C PHE B 136 26.54 -33.73 18.20
N TYR B 137 26.80 -33.32 19.44
CA TYR B 137 27.97 -32.49 19.81
C TYR B 137 29.27 -33.33 19.66
N GLU B 138 29.24 -34.62 19.96
CA GLU B 138 30.35 -35.57 19.64
C GLU B 138 30.60 -35.55 18.12
N THR B 139 29.58 -35.72 17.27
CA THR B 139 29.71 -35.68 15.78
C THR B 139 30.29 -34.32 15.33
N LYS B 140 29.87 -33.23 15.97
CA LYS B 140 30.33 -31.85 15.63
C LYS B 140 31.85 -31.71 15.85
N GLY B 141 32.36 -32.35 16.92
CA GLY B 141 33.72 -32.13 17.41
C GLY B 141 34.00 -30.64 17.52
N GLU B 142 34.98 -30.15 16.76
CA GLU B 142 35.47 -28.74 16.81
C GLU B 142 34.90 -27.94 15.64
N ARG B 143 34.24 -28.58 14.66
CA ARG B 143 33.70 -27.85 13.49
C ARG B 143 32.61 -26.90 13.98
N ASP B 144 32.39 -25.77 13.29
CA ASP B 144 31.41 -24.74 13.70
C ASP B 144 29.98 -25.26 13.46
N LEU B 145 29.00 -24.65 14.13
CA LEU B 145 27.57 -24.83 13.78
C LEU B 145 27.14 -23.67 12.89
N ILE B 146 26.45 -23.94 11.78
CA ILE B 146 25.70 -22.88 11.03
C ILE B 146 24.19 -23.13 11.17
N TYR B 147 23.45 -22.03 11.14
CA TYR B 147 21.98 -22.00 11.31
C TYR B 147 21.39 -21.63 9.95
N ALA B 148 20.43 -22.40 9.47
CA ALA B 148 19.76 -22.16 8.18
C ALA B 148 18.28 -22.54 8.28
N PHE B 149 17.48 -21.98 7.36
CA PHE B 149 16.02 -22.16 7.27
C PHE B 149 15.69 -23.30 6.29
N HIS B 150 14.63 -24.04 6.60
CA HIS B 150 13.95 -24.99 5.68
C HIS B 150 12.43 -24.84 5.81
N GLY B 151 11.76 -24.38 4.75
CA GLY B 151 10.29 -24.32 4.67
C GLY B 151 9.72 -25.65 4.27
N SER B 152 8.48 -25.94 4.66
CA SER B 152 7.74 -27.15 4.25
C SER B 152 6.25 -26.91 4.47
N ARG B 153 5.44 -27.76 3.87
CA ARG B 153 3.98 -27.75 4.09
C ARG B 153 3.73 -28.14 5.55
N LEU B 154 2.68 -27.57 6.12
CA LEU B 154 2.35 -27.76 7.54
C LEU B 154 2.23 -29.25 7.89
N GLU B 155 1.63 -30.05 7.00
CA GLU B 155 1.29 -31.48 7.23
C GLU B 155 2.56 -32.34 7.32
N ASN B 156 3.74 -31.78 7.06
CA ASN B 156 5.03 -32.51 7.16
C ASN B 156 5.69 -32.32 8.54
N PHE B 157 5.26 -31.36 9.35
CA PHE B 157 6.09 -30.95 10.52
C PHE B 157 5.99 -31.95 11.68
N HIS B 158 4.87 -32.65 11.84
CA HIS B 158 4.76 -33.75 12.82
C HIS B 158 5.89 -34.75 12.56
N SER B 159 6.03 -35.18 11.32
CA SER B 159 7.08 -36.12 10.89
C SER B 159 8.45 -35.45 10.99
N ILE B 160 8.60 -34.22 10.57
CA ILE B 160 9.93 -33.56 10.62
C ILE B 160 10.41 -33.54 12.07
N ILE B 161 9.56 -33.14 13.01
CA ILE B 161 9.96 -33.03 14.43
C ILE B 161 10.45 -34.41 14.91
N HIS B 162 9.66 -35.47 14.72
CA HIS B 162 9.89 -36.78 15.34
C HIS B 162 10.86 -37.64 14.51
N ASN B 163 11.01 -37.42 13.21
CA ASN B 163 11.83 -38.29 12.32
C ASN B 163 13.01 -37.54 11.71
N GLY B 164 13.07 -36.21 11.83
CA GLY B 164 14.09 -35.39 11.13
C GLY B 164 13.72 -35.10 9.67
N LEU B 165 14.43 -34.19 9.01
CA LEU B 165 14.20 -33.88 7.58
C LEU B 165 14.60 -35.11 6.75
N HIS B 166 13.81 -35.43 5.71
CA HIS B 166 14.11 -36.46 4.67
C HIS B 166 15.35 -36.03 3.88
N CYS B 167 16.41 -36.85 3.87
CA CYS B 167 17.59 -36.70 2.98
C CYS B 167 17.50 -37.73 1.85
N GLU B 177 18.68 -35.58 -4.62
CA GLU B 177 18.82 -36.10 -3.24
C GLU B 177 19.72 -35.16 -2.43
N GLY B 178 19.47 -35.11 -1.11
CA GLY B 178 19.95 -34.09 -0.15
C GLY B 178 18.79 -33.31 0.47
N THR B 179 19.05 -32.63 1.58
CA THR B 179 18.11 -31.68 2.22
C THR B 179 18.54 -30.27 1.87
N TYR B 180 17.63 -29.45 1.35
CA TYR B 180 17.89 -28.06 0.94
C TYR B 180 17.62 -27.14 2.13
N LEU B 181 18.49 -26.14 2.30
CA LEU B 181 18.45 -25.11 3.36
C LEU B 181 18.85 -23.77 2.76
N THR B 182 18.58 -22.67 3.44
CA THR B 182 18.96 -21.32 2.97
C THR B 182 19.12 -20.42 4.19
N SER B 183 19.91 -19.34 4.08
CA SER B 183 20.11 -18.37 5.17
C SER B 183 19.16 -17.21 4.96
N ASP B 184 18.40 -17.22 3.86
CA ASP B 184 17.37 -16.17 3.61
C ASP B 184 15.98 -16.77 3.90
N LEU B 185 15.35 -16.27 4.94
CA LEU B 185 14.02 -16.69 5.41
C LEU B 185 13.01 -16.47 4.27
N SER B 186 13.18 -15.40 3.48
CA SER B 186 12.20 -15.01 2.44
C SER B 186 12.11 -16.12 1.39
N LEU B 187 13.20 -16.85 1.14
CA LEU B 187 13.25 -18.00 0.22
C LEU B 187 12.64 -19.23 0.90
N ALA B 188 12.92 -19.47 2.18
CA ALA B 188 12.38 -20.64 2.91
C ALA B 188 10.86 -20.51 2.97
N LEU B 189 10.36 -19.29 3.15
CA LEU B 189 8.91 -19.04 3.35
C LEU B 189 8.10 -19.48 2.13
N ILE B 190 8.65 -19.39 0.93
CA ILE B 190 7.89 -19.78 -0.29
CA ILE B 190 7.96 -19.80 -0.33
C ILE B 190 7.61 -21.29 -0.24
N TYR B 191 8.39 -22.06 0.52
CA TYR B 191 8.19 -23.52 0.70
C TYR B 191 7.28 -23.83 1.91
N SER B 192 6.74 -22.81 2.58
CA SER B 192 5.87 -22.92 3.78
C SER B 192 4.56 -22.20 3.54
N PRO B 193 3.76 -22.62 2.54
CA PRO B 193 2.41 -22.11 2.41
C PRO B 193 1.59 -22.44 3.66
N HIS B 194 0.58 -21.61 3.89
CA HIS B 194 -0.47 -21.83 4.92
C HIS B 194 -1.10 -23.21 4.70
N GLY B 195 -1.27 -23.97 5.78
CA GLY B 195 -2.03 -25.22 5.75
C GLY B 195 -3.10 -25.18 6.82
N HIS B 196 -3.89 -26.23 6.85
CA HIS B 196 -4.96 -26.44 7.84
C HIS B 196 -4.33 -27.06 9.09
N GLY B 197 -4.46 -26.38 10.22
CA GLY B 197 -4.07 -26.93 11.53
C GLY B 197 -5.30 -27.47 12.21
N TRP B 198 -5.48 -27.07 13.45
CA TRP B 198 -6.54 -27.64 14.32
C TRP B 198 -7.57 -26.54 14.58
N GLN B 199 -8.85 -26.85 14.37
CA GLN B 199 -9.93 -25.83 14.49
CA GLN B 199 -10.00 -25.93 14.52
C GLN B 199 -9.99 -25.32 15.94
N HIS B 200 -9.51 -26.06 16.93
CA HIS B 200 -9.62 -25.62 18.33
C HIS B 200 -8.26 -25.16 18.86
N SER B 201 -7.33 -24.77 17.99
CA SER B 201 -5.97 -24.32 18.36
C SER B 201 -6.03 -22.90 18.92
N LEU B 202 -5.22 -22.65 19.94
CA LEU B 202 -4.88 -21.32 20.48
C LEU B 202 -4.06 -20.56 19.44
N LEU B 203 -3.40 -21.25 18.52
CA LEU B 203 -2.54 -20.58 17.51
C LEU B 203 -3.40 -20.09 16.34
N GLY B 204 -4.62 -20.57 16.22
CA GLY B 204 -5.49 -20.29 15.07
C GLY B 204 -5.47 -21.50 14.14
N PRO B 205 -6.49 -21.60 13.24
CA PRO B 205 -6.73 -22.82 12.48
C PRO B 205 -5.86 -22.96 11.22
N ILE B 206 -5.17 -21.89 10.83
CA ILE B 206 -4.39 -21.85 9.58
C ILE B 206 -2.98 -21.34 9.88
N LEU B 207 -1.99 -22.17 9.59
CA LEU B 207 -0.60 -21.97 10.03
C LEU B 207 0.36 -22.20 8.88
N SER B 208 1.44 -21.43 8.87
N SER B 208 1.44 -21.42 8.87
CA SER B 208 2.71 -21.74 8.16
CA SER B 208 2.69 -21.74 8.17
C SER B 208 3.78 -22.01 9.20
C SER B 208 3.78 -22.00 9.20
N CYS B 209 4.71 -22.88 8.88
CA CYS B 209 5.81 -23.26 9.80
C CYS B 209 7.11 -23.36 8.98
N VAL B 210 8.17 -22.76 9.49
CA VAL B 210 9.55 -22.81 8.91
C VAL B 210 10.52 -23.37 9.99
N ALA B 211 11.28 -24.38 9.64
CA ALA B 211 12.33 -24.98 10.48
C ALA B 211 13.60 -24.10 10.45
N VAL B 212 14.23 -23.93 11.59
CA VAL B 212 15.62 -23.39 11.72
C VAL B 212 16.47 -24.58 12.13
N CYS B 213 17.43 -24.95 11.29
CA CYS B 213 18.31 -26.12 11.49
C CYS B 213 19.69 -25.67 11.97
N GLU B 214 20.23 -26.46 12.90
CA GLU B 214 21.63 -26.49 13.35
C GLU B 214 22.35 -27.43 12.41
N VAL B 215 23.31 -26.92 11.65
CA VAL B 215 24.12 -27.74 10.70
C VAL B 215 25.58 -27.74 11.17
N ILE B 216 26.16 -28.93 11.32
CA ILE B 216 27.62 -29.12 11.54
C ILE B 216 28.34 -28.77 10.22
N ASP B 217 29.19 -27.73 10.22
CA ASP B 217 29.89 -27.21 9.02
C ASP B 217 30.87 -28.28 8.49
N HIS B 218 30.60 -28.82 7.29
CA HIS B 218 31.40 -29.87 6.61
C HIS B 218 31.03 -29.88 5.11
N ILE B 248 19.73 -12.71 -5.76
CA ILE B 248 18.34 -12.70 -6.32
C ILE B 248 18.19 -13.76 -7.40
N PRO B 249 17.40 -14.84 -7.17
CA PRO B 249 16.96 -15.24 -5.84
C PRO B 249 18.10 -15.43 -4.85
N PRO B 250 17.86 -15.27 -3.52
CA PRO B 250 18.83 -15.67 -2.50
C PRO B 250 19.47 -17.04 -2.73
N LYS B 251 20.61 -17.30 -2.08
CA LYS B 251 21.41 -18.55 -2.21
C LYS B 251 20.90 -19.64 -1.26
N TYR B 252 20.76 -20.86 -1.77
CA TYR B 252 20.47 -22.09 -1.02
C TYR B 252 21.67 -23.04 -1.11
N PHE B 253 21.74 -24.03 -0.21
CA PHE B 253 22.73 -25.13 -0.19
C PHE B 253 22.09 -26.45 0.29
N VAL B 254 22.85 -27.55 0.21
CA VAL B 254 22.31 -28.94 0.28
C VAL B 254 23.19 -29.76 1.21
N VAL B 255 22.60 -30.63 2.03
CA VAL B 255 23.26 -31.53 3.02
C VAL B 255 22.82 -32.95 2.70
N THR B 256 23.77 -33.86 2.47
CA THR B 256 23.54 -35.25 1.97
C THR B 256 23.54 -36.23 3.15
N ASN B 257 24.18 -35.84 4.26
CA ASN B 257 24.34 -36.69 5.48
C ASN B 257 23.41 -36.17 6.59
N ASN B 258 22.38 -36.96 6.95
CA ASN B 258 21.32 -36.55 7.91
C ASN B 258 21.89 -36.43 9.35
N GLN B 259 23.09 -36.95 9.63
CA GLN B 259 23.70 -36.92 10.98
C GLN B 259 24.28 -35.51 11.23
N LEU B 260 24.37 -34.67 10.20
CA LEU B 260 25.06 -33.36 10.24
C LEU B 260 24.10 -32.19 10.52
N LEU B 261 22.80 -32.45 10.65
CA LEU B 261 21.81 -31.35 10.93
C LEU B 261 20.67 -31.87 11.80
N ARG B 262 20.05 -30.93 12.51
CA ARG B 262 18.79 -31.22 13.22
C ARG B 262 17.98 -29.92 13.27
N VAL B 263 16.67 -30.07 13.36
CA VAL B 263 15.77 -28.92 13.53
C VAL B 263 15.88 -28.46 14.99
N LYS B 264 16.11 -27.16 15.18
CA LYS B 264 16.30 -26.55 16.51
C LYS B 264 15.17 -25.58 16.84
N TYR B 265 14.66 -24.84 15.86
CA TYR B 265 13.54 -23.88 16.08
C TYR B 265 12.45 -24.07 15.02
N LEU B 266 11.23 -23.65 15.37
CA LEU B 266 10.08 -23.60 14.46
C LEU B 266 9.54 -22.17 14.53
N LEU B 267 9.45 -21.50 13.38
CA LEU B 267 8.81 -20.17 13.23
C LEU B 267 7.39 -20.44 12.78
N VAL B 268 6.40 -19.98 13.51
CA VAL B 268 4.98 -20.28 13.20
C VAL B 268 4.30 -18.96 12.87
N TYR B 269 3.62 -18.93 11.73
CA TYR B 269 2.78 -17.79 11.27
C TYR B 269 1.33 -18.21 11.27
N SER B 270 0.48 -17.38 11.87
CA SER B 270 -0.97 -17.64 11.91
C SER B 270 -1.65 -16.71 10.92
N GLN B 271 -2.42 -17.23 9.96
CA GLN B 271 -3.25 -16.39 9.05
C GLN B 271 -4.42 -15.76 9.84
N LYS B 272 -4.68 -14.46 9.67
CA LYS B 272 -5.81 -13.75 10.32
C LYS B 272 -7.11 -14.58 10.24
N SER C 1 -13.86 14.74 -22.70
CA SER C 1 -14.08 14.15 -21.36
C SER C 1 -13.25 12.87 -21.24
N MET C 2 -12.87 12.50 -20.02
CA MET C 2 -12.34 11.14 -19.74
C MET C 2 -13.43 10.11 -20.07
N GLY C 3 -13.06 8.89 -20.40
CA GLY C 3 -13.98 7.75 -20.61
C GLY C 3 -14.43 7.19 -19.28
N TRP C 4 -15.29 6.16 -19.31
CA TRP C 4 -15.96 5.64 -18.09
C TRP C 4 -14.95 5.00 -17.15
N ALA C 5 -14.03 4.18 -17.68
CA ALA C 5 -13.07 3.44 -16.84
C ALA C 5 -12.18 4.45 -16.10
N ALA C 6 -11.75 5.49 -16.81
CA ALA C 6 -10.96 6.61 -16.25
C ALA C 6 -11.79 7.33 -15.18
N ALA C 7 -13.09 7.55 -15.43
CA ALA C 7 -13.96 8.26 -14.47
C ALA C 7 -14.10 7.40 -13.21
N ARG C 8 -14.26 6.09 -13.39
CA ARG C 8 -14.44 5.15 -12.28
C ARG C 8 -13.19 5.20 -11.37
N GLU C 9 -12.01 5.24 -11.97
CA GLU C 9 -10.74 5.29 -11.19
C GLU C 9 -10.69 6.63 -10.43
N ALA C 10 -10.97 7.73 -11.13
CA ALA C 10 -10.83 9.09 -10.55
C ALA C 10 -11.82 9.23 -9.38
N ALA C 11 -13.04 8.73 -9.54
CA ALA C 11 -14.07 8.85 -8.48
C ALA C 11 -13.63 8.01 -7.27
N GLY C 12 -13.18 6.78 -7.50
CA GLY C 12 -12.73 5.88 -6.42
C GLY C 12 -11.57 6.47 -5.63
N ARG C 13 -10.67 7.23 -6.25
CA ARG C 13 -9.49 7.82 -5.57
C ARG C 13 -9.98 8.80 -4.50
N ASP C 14 -11.06 9.55 -4.74
CA ASP C 14 -11.57 10.56 -3.77
C ASP C 14 -13.07 10.78 -3.98
N MET C 15 -13.86 9.92 -3.34
CA MET C 15 -15.33 9.83 -3.53
C MET C 15 -15.96 11.14 -3.07
N LEU C 16 -15.52 11.70 -1.96
CA LEU C 16 -16.11 12.94 -1.42
C LEU C 16 -15.86 14.10 -2.38
N ALA C 17 -14.68 14.19 -2.99
CA ALA C 17 -14.36 15.28 -3.96
C ALA C 17 -15.25 15.10 -5.20
N ALA C 18 -15.38 13.88 -5.70
CA ALA C 18 -16.21 13.57 -6.88
C ALA C 18 -17.66 13.92 -6.54
N ASP C 19 -18.09 13.57 -5.33
CA ASP C 19 -19.45 13.88 -4.83
C ASP C 19 -19.65 15.39 -4.79
N LEU C 20 -18.69 16.14 -4.25
CA LEU C 20 -18.79 17.61 -4.23
C LEU C 20 -19.04 18.12 -5.65
N ARG C 21 -18.29 17.64 -6.63
CA ARG C 21 -18.40 18.16 -8.01
C ARG C 21 -19.79 17.80 -8.57
N CYS C 22 -20.30 16.59 -8.29
CA CYS C 22 -21.67 16.19 -8.73
C CYS C 22 -22.72 17.08 -8.05
N SER C 23 -22.48 17.45 -6.79
CA SER C 23 -23.39 18.25 -5.94
C SER C 23 -23.45 19.67 -6.47
N LEU C 24 -22.29 20.25 -6.81
CA LEU C 24 -22.25 21.66 -7.26
C LEU C 24 -22.84 21.74 -8.67
N PHE C 25 -22.58 20.73 -9.50
CA PHE C 25 -23.20 20.59 -10.83
C PHE C 25 -24.74 20.55 -10.66
N ALA C 26 -25.25 19.70 -9.77
CA ALA C 26 -26.70 19.55 -9.54
C ALA C 26 -27.27 20.89 -9.08
N SER C 27 -26.58 21.61 -8.19
CA SER C 27 -27.06 22.92 -7.66
C SER C 27 -27.19 23.93 -8.82
N ALA C 28 -26.20 24.01 -9.71
CA ALA C 28 -26.21 24.97 -10.84
C ALA C 28 -27.29 24.55 -11.86
N LEU C 29 -27.43 23.25 -12.14
CA LEU C 29 -28.38 22.70 -13.12
C LEU C 29 -29.82 22.92 -12.62
N GLN C 30 -30.09 22.70 -11.34
CA GLN C 30 -31.45 22.75 -10.74
C GLN C 30 -31.88 24.21 -10.62
N SER C 31 -30.94 25.14 -10.45
CA SER C 31 -31.23 26.58 -10.32
C SER C 31 -32.09 27.08 -11.51
N TYR C 32 -33.00 28.02 -11.24
CA TYR C 32 -33.73 28.78 -12.29
C TYR C 32 -32.71 29.57 -13.12
N LYS C 33 -31.53 29.85 -12.54
CA LYS C 33 -30.45 30.61 -13.23
C LYS C 33 -29.57 29.67 -14.07
N ARG C 34 -30.00 28.42 -14.31
CA ARG C 34 -29.14 27.37 -14.92
C ARG C 34 -28.49 27.91 -16.21
N ASP C 35 -29.21 28.68 -17.01
CA ASP C 35 -28.66 29.14 -18.32
C ASP C 35 -27.38 29.93 -18.06
N SER C 36 -27.34 30.76 -17.01
CA SER C 36 -26.15 31.59 -16.74
C SER C 36 -25.18 30.89 -15.75
N VAL C 37 -25.63 30.04 -14.82
CA VAL C 37 -24.70 29.50 -13.77
C VAL C 37 -24.12 28.12 -14.17
N LEU C 38 -24.80 27.32 -14.98
CA LEU C 38 -24.23 26.03 -15.46
C LEU C 38 -23.30 26.34 -16.63
N ARG C 39 -22.15 26.94 -16.29
CA ARG C 39 -20.99 27.18 -17.19
C ARG C 39 -19.74 26.75 -16.43
N PRO C 40 -18.97 25.78 -16.95
CA PRO C 40 -19.22 25.22 -18.27
C PRO C 40 -20.44 24.26 -18.34
N PHE C 41 -20.93 24.09 -19.57
CA PHE C 41 -22.12 23.31 -19.92
C PHE C 41 -21.64 22.12 -20.73
N PRO C 42 -22.18 20.90 -20.54
CA PRO C 42 -21.70 19.75 -21.31
C PRO C 42 -22.08 19.79 -22.81
N ALA C 43 -21.08 19.83 -23.69
CA ALA C 43 -21.23 19.96 -25.15
C ALA C 43 -22.10 18.84 -25.75
N SER C 44 -22.12 17.63 -25.17
CA SER C 44 -22.98 16.53 -25.67
C SER C 44 -24.47 16.89 -25.52
N TYR C 45 -24.83 17.89 -24.70
CA TYR C 45 -26.23 18.31 -24.46
C TYR C 45 -26.50 19.63 -25.19
N ALA C 46 -25.59 20.09 -26.05
CA ALA C 46 -25.81 21.27 -26.94
C ALA C 46 -26.12 20.79 -28.36
N ARG C 47 -27.17 21.36 -28.96
CA ARG C 47 -27.61 21.09 -30.36
C ARG C 47 -27.39 22.41 -31.11
N GLY C 48 -26.21 22.55 -31.73
CA GLY C 48 -25.72 23.84 -32.23
C GLY C 48 -25.70 24.87 -31.12
N ASP C 49 -26.54 25.90 -31.27
CA ASP C 49 -26.60 27.07 -30.36
C ASP C 49 -27.52 26.80 -29.17
N CYS C 50 -28.24 25.67 -29.16
CA CYS C 50 -29.32 25.39 -28.19
C CYS C 50 -28.87 24.41 -27.09
N LYS C 51 -29.17 24.73 -25.84
CA LYS C 51 -28.83 23.86 -24.69
C LYS C 51 -30.05 22.97 -24.43
N ASP C 52 -29.86 21.65 -24.48
CA ASP C 52 -30.94 20.68 -24.19
C ASP C 52 -31.01 20.44 -22.69
N PHE C 53 -31.52 21.44 -21.96
CA PHE C 53 -31.69 21.39 -20.48
C PHE C 53 -32.66 20.28 -20.08
N GLU C 54 -33.67 19.98 -20.90
CA GLU C 54 -34.66 18.93 -20.53
C GLU C 54 -33.93 17.58 -20.48
N ALA C 55 -33.15 17.23 -21.50
CA ALA C 55 -32.40 15.94 -21.52
C ALA C 55 -31.39 15.93 -20.35
N LEU C 56 -30.76 17.07 -20.05
CA LEU C 56 -29.72 17.15 -18.98
C LEU C 56 -30.38 16.97 -17.61
N LEU C 57 -31.47 17.67 -17.36
CA LEU C 57 -32.25 17.48 -16.10
C LEU C 57 -32.70 16.03 -15.97
N ALA C 58 -33.20 15.42 -17.03
CA ALA C 58 -33.65 14.01 -16.96
C ALA C 58 -32.48 13.10 -16.57
N ASP C 59 -31.35 13.20 -17.27
CA ASP C 59 -30.15 12.34 -17.03
C ASP C 59 -29.62 12.61 -15.62
N ALA C 60 -29.54 13.88 -15.18
CA ALA C 60 -29.07 14.24 -13.82
C ALA C 60 -29.95 13.54 -12.77
N SER C 61 -31.26 13.47 -12.99
CA SER C 61 -32.24 12.93 -12.01
C SER C 61 -32.07 11.41 -11.90
N LYS C 62 -31.47 10.77 -12.91
CA LYS C 62 -31.25 9.30 -12.90
C LYS C 62 -29.86 8.95 -12.36
N LEU C 63 -29.03 9.91 -11.97
CA LEU C 63 -27.74 9.53 -11.30
C LEU C 63 -28.05 8.87 -9.97
N PRO C 64 -27.53 7.67 -9.67
CA PRO C 64 -27.56 7.12 -8.31
C PRO C 64 -26.47 7.77 -7.46
N ASN C 65 -26.45 7.46 -6.16
CA ASN C 65 -25.34 7.86 -5.27
C ASN C 65 -24.07 7.21 -5.83
N LEU C 66 -22.91 7.82 -5.58
CA LEU C 66 -21.65 7.37 -6.24
C LEU C 66 -21.29 5.96 -5.74
N LYS C 67 -21.56 5.62 -4.47
CA LYS C 67 -21.28 4.23 -4.01
C LYS C 67 -22.02 3.24 -4.90
N GLU C 68 -23.31 3.47 -5.17
CA GLU C 68 -24.12 2.55 -5.99
C GLU C 68 -23.57 2.58 -7.42
N LEU C 69 -23.26 3.75 -7.95
CA LEU C 69 -22.75 3.86 -9.34
C LEU C 69 -21.49 2.98 -9.48
N LEU C 70 -20.60 3.02 -8.50
CA LEU C 70 -19.29 2.32 -8.56
C LEU C 70 -19.44 0.81 -8.25
N GLN C 71 -20.45 0.40 -7.50
CA GLN C 71 -20.70 -1.03 -7.14
C GLN C 71 -21.24 -1.84 -8.33
N SER C 72 -22.00 -1.23 -9.23
CA SER C 72 -22.53 -1.90 -10.45
C SER C 72 -21.65 -1.54 -11.65
N SER C 73 -21.95 -2.13 -12.81
CA SER C 73 -21.05 -2.20 -14.00
C SER C 73 -20.87 -0.83 -14.65
N HIS C 77 -26.43 2.13 -16.56
CA HIS C 77 -26.12 3.53 -16.16
C HIS C 77 -25.21 4.19 -17.22
N LYS C 78 -25.48 3.98 -18.52
CA LYS C 78 -24.74 4.59 -19.67
C LYS C 78 -24.73 6.12 -19.53
N ARG C 79 -25.91 6.72 -19.41
CA ARG C 79 -26.08 8.20 -19.44
C ARG C 79 -25.43 8.79 -18.19
N ALA C 80 -25.55 8.10 -17.04
CA ALA C 80 -24.98 8.50 -15.74
C ALA C 80 -23.46 8.56 -15.87
N TRP C 81 -22.84 7.53 -16.42
CA TRP C 81 -21.37 7.44 -16.60
C TRP C 81 -20.91 8.52 -17.57
N ASP C 82 -21.64 8.77 -18.65
CA ASP C 82 -21.32 9.86 -19.62
C ASP C 82 -21.31 11.20 -18.85
N LEU C 83 -22.30 11.40 -18.01
CA LEU C 83 -22.46 12.70 -17.33
C LEU C 83 -21.38 12.84 -16.25
N VAL C 84 -21.18 11.82 -15.43
CA VAL C 84 -20.19 11.86 -14.30
C VAL C 84 -18.79 12.00 -14.90
N SER C 85 -18.49 11.32 -16.01
CA SER C 85 -17.20 11.46 -16.74
C SER C 85 -16.94 12.94 -17.02
N TRP C 86 -17.95 13.61 -17.58
CA TRP C 86 -17.83 15.04 -17.95
C TRP C 86 -17.65 15.88 -16.67
N ILE C 87 -18.45 15.64 -15.65
CA ILE C 87 -18.40 16.43 -14.37
C ILE C 87 -16.99 16.36 -13.77
N LEU C 88 -16.35 15.20 -13.83
CA LEU C 88 -15.04 14.97 -13.15
C LEU C 88 -13.85 15.32 -14.06
N SER C 89 -14.09 15.68 -15.32
CA SER C 89 -13.07 16.03 -16.33
C SER C 89 -12.68 17.50 -16.18
N SER C 90 -11.39 17.77 -16.33
CA SER C 90 -10.79 19.13 -16.43
C SER C 90 -9.31 18.99 -16.76
N LYS C 91 -8.82 19.80 -17.70
CA LYS C 91 -7.37 19.88 -18.04
C LYS C 91 -6.73 20.98 -17.19
N VAL C 92 -7.52 21.74 -16.43
CA VAL C 92 -7.11 22.97 -15.69
C VAL C 92 -6.88 22.64 -14.21
N LEU C 93 -7.71 21.78 -13.62
CA LEU C 93 -7.69 21.65 -12.13
C LEU C 93 -8.25 20.29 -11.70
N THR C 94 -8.05 19.98 -10.43
CA THR C 94 -8.72 18.84 -9.77
C THR C 94 -8.96 19.24 -8.31
N ILE C 95 -9.83 18.50 -7.65
CA ILE C 95 -10.24 18.81 -6.26
C ILE C 95 -9.89 17.61 -5.38
N HIS C 96 -9.37 17.91 -4.18
CA HIS C 96 -8.95 16.90 -3.18
C HIS C 96 -9.71 17.15 -1.89
N SER C 97 -10.21 16.09 -1.24
CA SER C 97 -10.60 16.13 0.18
C SER C 97 -9.37 16.54 1.00
N ALA C 98 -9.53 17.38 2.00
CA ALA C 98 -8.41 17.83 2.87
C ALA C 98 -8.84 17.68 4.33
N GLY C 99 -7.87 17.57 5.24
CA GLY C 99 -8.11 17.18 6.63
C GLY C 99 -8.02 18.36 7.58
N LYS C 100 -8.01 18.05 8.87
CA LYS C 100 -7.94 19.06 9.97
C LYS C 100 -6.58 19.76 9.90
N ALA C 101 -5.57 19.07 9.35
CA ALA C 101 -4.24 19.62 9.07
C ALA C 101 -4.39 20.92 8.26
N GLU C 102 -5.12 20.85 7.14
CA GLU C 102 -5.21 21.99 6.17
C GLU C 102 -6.13 23.05 6.78
N PHE C 103 -7.14 22.65 7.58
CA PHE C 103 -8.09 23.63 8.17
C PHE C 103 -7.34 24.49 9.19
N GLU C 104 -6.47 23.86 10.01
CA GLU C 104 -5.63 24.56 11.02
C GLU C 104 -4.74 25.57 10.28
N LYS C 105 -4.11 25.16 9.18
CA LYS C 105 -3.30 26.08 8.34
C LYS C 105 -4.16 27.30 7.98
N ILE C 106 -5.42 27.09 7.58
CA ILE C 106 -6.26 28.23 7.09
C ILE C 106 -6.53 29.18 8.26
N GLN C 107 -6.84 28.61 9.44
CA GLN C 107 -7.08 29.38 10.68
C GLN C 107 -5.83 30.20 11.04
N LYS C 108 -4.65 29.56 11.00
CA LYS C 108 -3.38 30.24 11.31
C LYS C 108 -3.19 31.41 10.32
N LEU C 109 -3.56 31.24 9.05
CA LEU C 109 -3.30 32.24 7.99
C LEU C 109 -4.35 33.35 8.01
N THR C 110 -5.56 33.10 8.52
CA THR C 110 -6.69 34.08 8.49
C THR C 110 -6.82 34.78 9.84
N GLY C 111 -7.69 35.79 9.93
CA GLY C 111 -7.92 36.61 11.14
C GLY C 111 -8.90 35.95 12.11
N ALA C 112 -8.94 36.40 13.37
CA ALA C 112 -9.91 35.84 14.35
C ALA C 112 -11.29 36.30 13.92
N PRO C 113 -12.27 35.38 13.74
CA PRO C 113 -13.63 35.80 13.39
C PRO C 113 -14.23 36.64 14.51
N HIS C 114 -14.84 37.76 14.13
CA HIS C 114 -15.46 38.78 14.99
C HIS C 114 -16.70 38.18 15.70
N THR C 115 -17.48 37.37 14.99
CA THR C 115 -18.65 36.62 15.52
C THR C 115 -18.44 35.11 15.30
N PRO C 116 -19.05 34.26 16.14
CA PRO C 116 -18.74 32.83 16.15
C PRO C 116 -19.05 32.17 14.79
N VAL C 117 -18.20 31.21 14.42
CA VAL C 117 -18.29 30.51 13.11
C VAL C 117 -18.19 29.02 13.37
N PRO C 118 -18.85 28.18 12.55
CA PRO C 118 -18.66 26.74 12.66
C PRO C 118 -17.36 26.38 11.92
N ALA C 119 -16.77 25.27 12.34
CA ALA C 119 -15.83 24.43 11.58
C ALA C 119 -16.59 23.79 10.41
N PRO C 120 -15.97 23.70 9.22
CA PRO C 120 -16.59 23.05 8.08
C PRO C 120 -16.81 21.55 8.33
N ASP C 121 -17.86 21.00 7.73
CA ASP C 121 -18.12 19.54 7.71
C ASP C 121 -17.14 18.88 6.73
N PHE C 122 -16.80 19.58 5.65
CA PHE C 122 -15.87 19.07 4.61
C PHE C 122 -15.01 20.23 4.16
N LEU C 123 -13.76 19.93 3.84
CA LEU C 123 -12.79 20.91 3.35
C LEU C 123 -12.18 20.28 2.10
N PHE C 124 -12.11 21.08 1.04
CA PHE C 124 -11.54 20.62 -0.24
C PHE C 124 -10.48 21.62 -0.67
N GLU C 125 -9.47 21.10 -1.35
CA GLU C 125 -8.35 21.86 -1.92
C GLU C 125 -8.44 21.73 -3.43
N ILE C 126 -8.30 22.86 -4.13
CA ILE C 126 -8.18 22.89 -5.61
C ILE C 126 -6.69 22.90 -5.98
N GLU C 127 -6.26 21.93 -6.77
CA GLU C 127 -4.91 21.85 -7.39
C GLU C 127 -5.07 22.25 -8.85
N TYR C 128 -4.28 23.24 -9.26
CA TYR C 128 -4.17 23.77 -10.65
C TYR C 128 -3.00 23.10 -11.37
N PHE C 129 -3.22 22.80 -12.63
CA PHE C 129 -2.24 22.29 -13.62
C PHE C 129 -1.83 23.45 -14.52
N ASP C 130 -0.73 23.24 -15.25
CA ASP C 130 -0.21 24.23 -16.22
C ASP C 130 -1.12 24.24 -17.44
N PRO C 131 -1.26 25.37 -18.14
CA PRO C 131 -0.50 26.58 -17.87
C PRO C 131 -0.95 27.45 -16.68
N ALA C 132 -2.15 27.26 -16.15
CA ALA C 132 -2.73 28.14 -15.12
C ALA C 132 -1.83 28.19 -13.87
N ASN C 133 -1.29 27.04 -13.46
CA ASN C 133 -0.49 26.96 -12.19
C ASN C 133 0.78 27.80 -12.39
N ALA C 134 1.54 27.57 -13.45
CA ALA C 134 2.80 28.30 -13.75
C ALA C 134 2.53 29.80 -13.91
N LYS C 135 1.44 30.16 -14.61
CA LYS C 135 1.03 31.57 -14.87
C LYS C 135 0.82 32.28 -13.54
N PHE C 136 0.10 31.67 -12.60
CA PHE C 136 -0.18 32.28 -11.28
C PHE C 136 1.14 32.56 -10.56
N TYR C 137 2.05 31.59 -10.58
CA TYR C 137 3.39 31.72 -9.91
C TYR C 137 4.25 32.74 -10.66
N GLU C 138 4.16 32.81 -11.99
CA GLU C 138 4.76 33.94 -12.80
C GLU C 138 4.23 35.29 -12.28
N THR C 139 2.90 35.47 -12.18
CA THR C 139 2.29 36.75 -11.71
C THR C 139 2.75 37.06 -10.29
N LYS C 140 2.85 36.02 -9.44
CA LYS C 140 3.21 36.19 -8.00
C LYS C 140 4.64 36.75 -7.90
N GLY C 141 5.56 36.27 -8.75
CA GLY C 141 7.01 36.45 -8.52
C GLY C 141 7.37 36.16 -7.08
N GLU C 142 7.89 37.17 -6.36
CA GLU C 142 8.38 37.07 -4.97
C GLU C 142 7.38 37.68 -3.98
N ARG C 143 6.26 38.23 -4.45
CA ARG C 143 5.23 38.83 -3.55
C ARG C 143 4.71 37.73 -2.61
N ASP C 144 4.28 38.13 -1.41
CA ASP C 144 3.61 37.26 -0.42
C ASP C 144 2.22 36.87 -0.96
N LEU C 145 1.71 35.74 -0.50
CA LEU C 145 0.30 35.34 -0.68
C LEU C 145 -0.44 35.72 0.59
N ILE C 146 -1.64 36.29 0.48
CA ILE C 146 -2.61 36.30 1.61
C ILE C 146 -3.79 35.39 1.28
N TYR C 147 -4.41 34.84 2.32
CA TYR C 147 -5.62 34.00 2.25
C TYR C 147 -6.79 34.85 2.70
N ALA C 148 -7.86 34.82 1.90
CA ALA C 148 -9.08 35.59 2.17
C ALA C 148 -10.30 34.80 1.67
N PHE C 149 -11.44 35.08 2.28
CA PHE C 149 -12.70 34.34 2.11
C PHE C 149 -13.61 35.09 1.14
N HIS C 150 -14.42 34.34 0.40
CA HIS C 150 -15.51 34.84 -0.45
C HIS C 150 -16.69 33.88 -0.38
N GLY C 151 -17.79 34.31 0.25
CA GLY C 151 -19.04 33.52 0.27
C GLY C 151 -19.83 33.74 -1.00
N SER C 152 -20.67 32.78 -1.35
CA SER C 152 -21.58 32.87 -2.51
C SER C 152 -22.71 31.86 -2.35
N ARG C 153 -23.76 32.02 -3.13
CA ARG C 153 -24.84 31.02 -3.22
C ARG C 153 -24.25 29.73 -3.78
N LEU C 154 -24.78 28.59 -3.36
CA LEU C 154 -24.28 27.27 -3.75
C LEU C 154 -24.26 27.13 -5.28
N GLU C 155 -25.28 27.66 -5.97
CA GLU C 155 -25.48 27.43 -7.43
C GLU C 155 -24.42 28.17 -8.25
N ASN C 156 -23.57 28.99 -7.59
CA ASN C 156 -22.45 29.69 -8.28
C ASN C 156 -21.13 28.89 -8.25
N PHE C 157 -20.99 27.86 -7.42
CA PHE C 157 -19.67 27.25 -7.14
C PHE C 157 -19.19 26.37 -8.28
N HIS C 158 -20.09 25.77 -9.07
CA HIS C 158 -19.67 25.04 -10.29
C HIS C 158 -18.88 26.01 -11.18
N SER C 159 -19.43 27.19 -11.42
CA SER C 159 -18.79 28.25 -12.24
C SER C 159 -17.55 28.77 -11.51
N ILE C 160 -17.64 29.03 -10.21
CA ILE C 160 -16.48 29.60 -9.49
C ILE C 160 -15.27 28.67 -9.63
N ILE C 161 -15.48 27.38 -9.46
N ILE C 161 -15.44 27.36 -9.46
CA ILE C 161 -14.38 26.39 -9.53
CA ILE C 161 -14.29 26.43 -9.50
C ILE C 161 -13.74 26.46 -10.92
C ILE C 161 -13.72 26.43 -10.93
N HIS C 162 -14.56 26.33 -11.97
CA HIS C 162 -14.07 26.17 -13.36
C HIS C 162 -13.71 27.49 -14.03
N ASN C 163 -14.27 28.64 -13.61
CA ASN C 163 -14.06 29.93 -14.31
C ASN C 163 -13.36 30.95 -13.40
N GLY C 164 -13.29 30.73 -12.09
CA GLY C 164 -12.84 31.73 -11.10
C GLY C 164 -13.95 32.70 -10.71
N LEU C 165 -13.69 33.57 -9.75
CA LEU C 165 -14.64 34.60 -9.29
C LEU C 165 -14.74 35.66 -10.41
N HIS C 166 -15.95 36.16 -10.69
CA HIS C 166 -16.22 37.27 -11.65
C HIS C 166 -15.59 38.58 -11.14
N CYS C 167 -14.66 39.17 -11.89
CA CYS C 167 -13.93 40.41 -11.54
C CYS C 167 -14.47 41.58 -12.35
N LEU C 174 -20.38 48.87 -4.33
CA LEU C 174 -20.39 49.83 -3.20
C LEU C 174 -18.98 50.41 -2.99
N PHE C 175 -17.94 49.56 -2.90
CA PHE C 175 -16.52 49.96 -2.66
C PHE C 175 -15.79 50.12 -4.01
N GLY C 176 -16.47 49.86 -5.12
CA GLY C 176 -15.91 49.88 -6.49
C GLY C 176 -16.07 48.53 -7.19
N GLU C 177 -15.75 48.47 -8.49
CA GLU C 177 -15.81 47.24 -9.32
C GLU C 177 -14.71 46.27 -8.87
N GLY C 178 -14.92 44.96 -9.08
CA GLY C 178 -13.95 43.89 -8.77
C GLY C 178 -14.56 42.78 -7.93
N THR C 179 -13.71 41.93 -7.35
CA THR C 179 -14.09 40.78 -6.50
C THR C 179 -13.90 41.19 -5.05
N TYR C 180 -14.92 41.00 -4.22
CA TYR C 180 -14.86 41.33 -2.78
C TYR C 180 -14.45 40.06 -2.03
N LEU C 181 -13.57 40.24 -1.06
CA LEU C 181 -12.98 39.20 -0.21
C LEU C 181 -12.88 39.78 1.19
N THR C 182 -12.66 38.92 2.18
CA THR C 182 -12.47 39.37 3.57
C THR C 182 -11.56 38.39 4.28
N SER C 183 -10.88 38.85 5.31
CA SER C 183 -10.03 38.02 6.19
C SER C 183 -10.88 37.42 7.33
N ASP C 184 -12.14 37.87 7.48
CA ASP C 184 -13.04 37.42 8.55
C ASP C 184 -14.07 36.48 7.92
N LEU C 185 -13.99 35.20 8.28
CA LEU C 185 -14.90 34.15 7.78
C LEU C 185 -16.35 34.52 8.14
N SER C 186 -16.55 35.15 9.30
CA SER C 186 -17.90 35.45 9.83
C SER C 186 -18.61 36.44 8.90
N LEU C 187 -17.86 37.29 8.18
CA LEU C 187 -18.43 38.23 7.17
C LEU C 187 -18.71 37.47 5.87
N ALA C 188 -17.81 36.60 5.44
CA ALA C 188 -17.97 35.83 4.19
C ALA C 188 -19.19 34.93 4.32
N LEU C 189 -19.39 34.34 5.51
CA LEU C 189 -20.44 33.30 5.71
C LEU C 189 -21.83 33.85 5.39
N ILE C 190 -22.05 35.14 5.68
CA ILE C 190 -23.35 35.82 5.44
C ILE C 190 -23.69 35.75 3.94
N TYR C 191 -22.69 35.63 3.07
CA TYR C 191 -22.86 35.56 1.59
C TYR C 191 -23.02 34.11 1.11
N SER C 192 -23.03 33.13 2.02
CA SER C 192 -23.11 31.68 1.70
C SER C 192 -24.33 31.06 2.37
N PRO C 193 -25.57 31.44 1.97
CA PRO C 193 -26.75 30.76 2.45
C PRO C 193 -26.75 29.30 1.99
N HIS C 194 -27.39 28.45 2.78
CA HIS C 194 -27.64 27.03 2.46
C HIS C 194 -28.44 26.99 1.16
N GLY C 195 -28.12 26.08 0.26
CA GLY C 195 -28.85 25.87 -1.00
C GLY C 195 -29.08 24.41 -1.20
N HIS C 196 -29.80 24.05 -2.25
CA HIS C 196 -30.11 22.65 -2.62
C HIS C 196 -28.92 22.12 -3.42
N GLY C 197 -28.33 21.03 -2.93
CA GLY C 197 -27.30 20.30 -3.67
C GLY C 197 -27.92 19.13 -4.39
N TRP C 198 -27.37 17.95 -4.15
CA TRP C 198 -27.78 16.73 -4.85
C TRP C 198 -28.44 15.81 -3.83
N GLN C 199 -29.65 15.34 -4.16
N GLN C 199 -29.65 15.33 -4.10
CA GLN C 199 -30.50 14.45 -3.32
CA GLN C 199 -30.40 14.54 -3.07
C GLN C 199 -29.69 13.21 -2.91
C GLN C 199 -29.63 13.23 -2.82
N HIS C 200 -28.77 12.77 -3.75
CA HIS C 200 -28.05 11.48 -3.53
C HIS C 200 -26.61 11.73 -3.09
N SER C 201 -26.29 12.92 -2.54
CA SER C 201 -24.92 13.29 -2.12
C SER C 201 -24.55 12.63 -0.79
N LEU C 202 -23.32 12.13 -0.70
CA LEU C 202 -22.62 11.74 0.55
C LEU C 202 -22.46 12.93 1.48
N LEU C 203 -22.48 14.17 0.96
CA LEU C 203 -22.26 15.36 1.80
C LEU C 203 -23.58 15.78 2.47
N GLY C 204 -24.71 15.27 2.01
CA GLY C 204 -26.03 15.73 2.46
C GLY C 204 -26.63 16.66 1.40
N PRO C 205 -27.98 16.83 1.40
CA PRO C 205 -28.68 17.44 0.27
C PRO C 205 -28.68 18.97 0.29
N ILE C 206 -28.30 19.55 1.42
CA ILE C 206 -28.34 21.02 1.62
C ILE C 206 -26.96 21.51 2.12
N LEU C 207 -26.33 22.38 1.36
CA LEU C 207 -24.91 22.80 1.58
C LEU C 207 -24.83 24.32 1.49
N SER C 208 -23.93 24.86 2.29
CA SER C 208 -23.33 26.20 2.14
C SER C 208 -21.85 25.99 1.81
N CYS C 209 -21.29 26.90 1.03
CA CYS C 209 -19.92 26.77 0.52
C CYS C 209 -19.28 28.16 0.57
N VAL C 210 -18.06 28.24 1.12
CA VAL C 210 -17.23 29.48 1.18
C VAL C 210 -15.90 29.19 0.46
N ALA C 211 -15.51 30.04 -0.48
CA ALA C 211 -14.21 30.00 -1.18
C ALA C 211 -13.14 30.59 -0.28
N VAL C 212 -11.98 29.93 -0.23
CA VAL C 212 -10.74 30.51 0.37
C VAL C 212 -9.85 30.78 -0.81
N CYS C 213 -9.46 32.05 -0.98
CA CYS C 213 -8.65 32.50 -2.12
C CYS C 213 -7.23 32.76 -1.66
N GLU C 214 -6.31 32.42 -2.55
CA GLU C 214 -4.90 32.82 -2.53
C GLU C 214 -4.80 34.14 -3.29
N VAL C 215 -4.45 35.21 -2.60
CA VAL C 215 -4.35 36.56 -3.19
C VAL C 215 -2.87 37.01 -3.18
N ILE C 216 -2.36 37.35 -4.36
CA ILE C 216 -1.00 37.94 -4.52
C ILE C 216 -1.02 39.36 -3.94
N ASP C 217 -0.20 39.62 -2.91
CA ASP C 217 0.00 40.96 -2.28
C ASP C 217 0.49 41.97 -3.34
N HIS C 218 -0.32 42.95 -3.69
CA HIS C 218 -0.14 43.83 -4.89
C HIS C 218 -0.99 45.09 -4.78
N PRO C 219 -0.44 46.27 -5.14
CA PRO C 219 -1.20 47.53 -5.21
C PRO C 219 -2.67 47.47 -5.64
N ASP C 220 -2.99 46.76 -6.73
CA ASP C 220 -4.36 46.62 -7.33
C ASP C 220 -5.25 45.65 -6.56
N VAL C 221 -4.78 45.07 -5.44
CA VAL C 221 -5.66 44.51 -4.37
C VAL C 221 -5.78 45.63 -3.33
N LYS C 222 -6.97 46.23 -3.28
CA LYS C 222 -7.27 47.48 -2.54
C LYS C 222 -7.69 47.14 -1.11
N CYS C 223 -6.95 47.63 -0.11
CA CYS C 223 -7.29 47.62 1.34
C CYS C 223 -6.70 48.86 2.02
N PRO C 250 -12.34 47.70 5.40
CA PRO C 250 -11.33 47.75 6.48
C PRO C 250 -10.81 46.37 6.94
N LYS C 251 -11.66 45.33 6.97
CA LYS C 251 -11.21 43.89 7.02
C LYS C 251 -11.41 43.27 5.64
N TYR C 252 -11.51 44.11 4.60
CA TYR C 252 -11.94 43.76 3.23
C TYR C 252 -10.80 43.94 2.24
N PHE C 253 -10.97 43.33 1.08
CA PHE C 253 -10.13 43.48 -0.11
C PHE C 253 -11.14 43.57 -1.26
N VAL C 254 -10.85 44.47 -2.18
CA VAL C 254 -11.45 44.43 -3.54
C VAL C 254 -10.29 44.28 -4.51
N VAL C 255 -10.44 43.33 -5.42
CA VAL C 255 -9.39 42.87 -6.35
C VAL C 255 -9.98 43.04 -7.75
N THR C 256 -9.35 43.93 -8.50
CA THR C 256 -9.81 44.46 -9.81
C THR C 256 -9.15 43.65 -10.94
N ASN C 257 -8.00 43.03 -10.64
CA ASN C 257 -7.23 42.16 -11.58
C ASN C 257 -7.42 40.68 -11.20
N ASN C 258 -8.11 39.94 -12.07
CA ASN C 258 -8.41 38.48 -12.08
C ASN C 258 -7.16 37.62 -11.84
N GLN C 259 -6.01 38.07 -12.32
CA GLN C 259 -4.74 37.30 -12.38
C GLN C 259 -4.11 37.25 -10.99
N LEU C 260 -4.60 38.06 -10.04
CA LEU C 260 -3.98 38.25 -8.70
C LEU C 260 -4.59 37.34 -7.62
N LEU C 261 -5.52 36.47 -7.98
CA LEU C 261 -6.17 35.57 -7.00
C LEU C 261 -6.63 34.29 -7.69
N ARG C 262 -6.69 33.22 -6.92
CA ARG C 262 -7.33 31.97 -7.36
C ARG C 262 -8.01 31.35 -6.14
N VAL C 263 -9.05 30.59 -6.41
CA VAL C 263 -9.75 29.82 -5.35
C VAL C 263 -8.87 28.60 -5.04
N LYS C 264 -8.55 28.40 -3.77
CA LYS C 264 -7.62 27.33 -3.31
C LYS C 264 -8.36 26.30 -2.45
N TYR C 265 -9.29 26.73 -1.61
CA TYR C 265 -10.07 25.81 -0.75
C TYR C 265 -11.57 26.12 -0.86
N LEU C 266 -12.38 25.09 -0.62
CA LEU C 266 -13.84 25.23 -0.39
C LEU C 266 -14.14 24.69 1.00
N LEU C 267 -14.70 25.53 1.85
CA LEU C 267 -15.31 25.16 3.16
C LEU C 267 -16.77 24.77 2.88
N VAL C 268 -17.16 23.56 3.19
CA VAL C 268 -18.52 23.06 2.90
C VAL C 268 -19.18 22.79 4.24
N TYR C 269 -20.34 23.41 4.46
CA TYR C 269 -21.22 23.22 5.64
C TYR C 269 -22.49 22.49 5.21
N SER C 270 -22.77 21.38 5.87
CA SER C 270 -23.94 20.52 5.57
C SER C 270 -25.02 20.80 6.62
N GLN C 271 -26.20 21.27 6.21
CA GLN C 271 -27.33 21.51 7.14
C GLN C 271 -27.96 20.16 7.47
N LYS C 272 -28.25 19.88 8.74
CA LYS C 272 -29.08 18.70 9.14
C LYS C 272 -30.57 19.08 9.13
C5 T9D D . 9.44 -11.63 -10.50
C6 T9D D . 10.51 -12.00 -11.33
C7 T9D D . 11.64 -11.13 -11.51
C10 T9D D . 9.61 -10.38 -9.88
N12 T9D D . 10.68 -13.23 -11.90
C13 T9D D . 10.07 -14.48 -11.33
C15 T9D D . 10.53 -17.04 -11.72
C17 T9D D . 12.29 -17.54 -13.30
C20 T9D D . 11.73 -13.69 -12.81
C22 T9D D . 13.26 -18.83 -15.28
C24 T9D D . 12.25 -19.83 -17.36
C26 T9D D . 14.57 -20.40 -16.77
F1 T9D D . 8.00 -13.23 -9.32
C2 T9D D . 8.09 -12.39 -10.32
F3 T9D D . 7.07 -11.47 -10.23
F4 T9D D . 7.88 -13.03 -11.45
N8 T9D D . 11.68 -9.94 -11.05
N9 T9D D . 10.68 -9.61 -10.12
O11 T9D D . 8.82 -10.01 -9.01
C14 T9D D . 10.76 -15.67 -11.90
C16 T9D D . 11.31 -17.97 -12.39
C18 T9D D . 12.52 -16.18 -13.46
C19 T9D D . 11.75 -15.22 -12.77
O21 T9D D . 13.08 -18.50 -13.91
C23 T9D D . 11.98 -19.40 -15.91
N25 T9D D . 13.32 -20.86 -17.39
C27 T9D D . 14.34 -19.92 -15.33
C1 CIT E . 13.42 -2.39 -14.92
O1 CIT E . 12.28 -2.82 -15.28
O2 CIT E . 13.86 -1.23 -15.16
C2 CIT E . 14.32 -3.34 -14.12
C3 CIT E . 13.98 -4.83 -14.22
O7 CIT E . 12.60 -5.01 -14.47
C4 CIT E . 14.81 -5.52 -15.32
C5 CIT E . 15.23 -6.97 -15.02
O3 CIT E . 14.35 -7.87 -15.03
O4 CIT E . 16.44 -7.19 -14.76
C6 CIT E . 14.28 -5.49 -12.88
O5 CIT E . 13.27 -5.78 -12.17
O6 CIT E . 15.50 -5.67 -12.61
C1 GOL F . 1.52 16.19 -5.37
O1 GOL F . 0.71 17.10 -6.13
C2 GOL F . 0.92 14.80 -5.21
O2 GOL F . 0.47 14.33 -6.48
C3 GOL F . -0.20 14.75 -4.17
O3 GOL F . -0.48 13.43 -3.64
C1 GOL G . 24.59 -1.85 -4.72
O1 GOL G . 25.50 -2.95 -4.67
C2 GOL G . 24.84 -1.06 -6.00
O2 GOL G . 23.65 -0.85 -6.77
C3 GOL G . 25.51 0.26 -5.69
O3 GOL G . 26.86 0.28 -6.13
C1 GOL H . 4.41 19.23 -14.43
O1 GOL H . 5.14 19.10 -13.21
C2 GOL H . 4.77 20.50 -15.19
O2 GOL H . 3.80 20.70 -16.24
C3 GOL H . 6.17 20.52 -15.76
O3 GOL H . 6.75 19.22 -15.87
C1 GOL I . -1.19 18.07 -16.31
O1 GOL I . -2.22 17.09 -16.40
C2 GOL I . 0.09 17.52 -15.69
O2 GOL I . 1.23 18.20 -16.21
C3 GOL I . 0.10 17.60 -14.17
O3 GOL I . 1.34 17.18 -13.62
C1 EDO J . 17.07 13.48 8.63
O1 EDO J . 17.85 14.57 8.08
C2 EDO J . 15.76 13.27 7.96
O2 EDO J . 14.60 13.17 8.79
C5 T9D K . 14.26 -24.88 0.60
C6 T9D K . 14.13 -25.82 -0.45
C7 T9D K . 13.14 -26.83 -0.37
C10 T9D K . 13.31 -25.02 1.62
N12 T9D K . 14.79 -25.81 -1.69
C13 T9D K . 15.49 -24.68 -2.35
C15 T9D K . 15.93 -24.10 -4.92
C17 T9D K . 15.31 -25.81 -6.52
C20 T9D K . 14.60 -26.79 -2.79
C22 T9D K . 16.30 -26.75 -8.60
C24 T9D K . 17.82 -26.39 -10.58
C26 T9D K . 17.23 -28.70 -9.93
F1 T9D K . 15.16 -22.59 0.12
C2 T9D K . 15.32 -23.79 0.76
F3 T9D K . 15.61 -23.52 2.09
F4 T9D K . 16.41 -24.47 0.26
N8 T9D K . 12.40 -26.99 0.66
N9 T9D K . 12.39 -26.00 1.62
O11 T9D K . 13.20 -24.17 2.49
C14 T9D K . 15.50 -24.89 -3.85
C16 T9D K . 15.83 -24.55 -6.23
C18 T9D K . 14.88 -26.61 -5.44
C19 T9D K . 14.99 -26.16 -4.12
O21 T9D K . 15.19 -26.25 -7.82
C23 T9D K . 16.59 -25.86 -9.81
N25 T9D K . 17.60 -27.78 -11.02
C27 T9D K . 16.01 -28.17 -9.15
C1 CIT L . 9.90 -30.29 2.55
O1 CIT L . 9.78 -29.28 1.77
O2 CIT L . 10.56 -30.31 3.61
C2 CIT L . 9.22 -31.60 2.19
C3 CIT L . 10.05 -32.82 2.65
O7 CIT L . 11.19 -32.34 3.33
C4 CIT L . 9.22 -33.73 3.60
C5 CIT L . 9.88 -34.18 4.92
O3 CIT L . 9.12 -34.78 5.73
O4 CIT L . 11.10 -33.95 5.13
C6 CIT L . 10.45 -33.62 1.39
O5 CIT L . 9.54 -34.22 0.78
O6 CIT L . 11.65 -33.57 1.04
C1 GOL M . -12.00 -34.78 32.36
O1 GOL M . -13.37 -34.46 32.05
C2 GOL M . -11.83 -36.19 32.94
O2 GOL M . -10.48 -36.53 33.26
C3 GOL M . -12.48 -37.30 32.12
O3 GOL M . -11.86 -37.65 30.88
C1 GOL N . 5.12 -37.96 21.09
O1 GOL N . 5.58 -36.61 21.15
C2 GOL N . 5.27 -38.61 19.73
O2 GOL N . 3.98 -38.65 19.12
C3 GOL N . 5.86 -40.00 19.83
O3 GOL N . 4.91 -40.93 20.34
C1 GOL O . 10.13 -44.30 30.95
O1 GOL O . 8.74 -44.59 30.88
C2 GOL O . 10.93 -45.55 30.76
O2 GOL O . 10.64 -46.11 29.49
C3 GOL O . 12.42 -45.34 30.86
O3 GOL O . 13.10 -46.52 30.42
C1 GOL P . -9.94 -21.99 20.15
O1 GOL P . -9.24 -20.97 20.87
C2 GOL P . -11.43 -21.95 20.42
O2 GOL P . -12.01 -20.82 19.76
C3 GOL P . -12.15 -23.22 19.99
O3 GOL P . -12.42 -24.09 21.09
C1 GOL Q . -15.26 -39.27 26.43
O1 GOL Q . -15.04 -40.07 27.60
C2 GOL Q . -14.06 -39.31 25.52
O2 GOL Q . -14.00 -40.64 25.03
C3 GOL Q . -14.04 -38.29 24.39
O3 GOL Q . -12.80 -37.59 24.28
C1 PEG R . -10.49 -35.50 6.12
O1 PEG R . -10.24 -34.32 6.87
C2 PEG R . -11.79 -36.21 6.53
O2 PEG R . -11.86 -37.49 5.89
C3 PEG R . -13.08 -38.20 6.14
C4 PEG R . -12.95 -39.68 5.79
O4 PEG R . -11.77 -40.01 5.04
C1 EDO S . -3.25 -30.37 1.49
O1 EDO S . -4.49 -29.89 0.87
C2 EDO S . -3.44 -31.67 2.24
O2 EDO S . -2.43 -32.02 3.18
C1 EDO T . -6.05 -35.20 34.00
O1 EDO T . -4.91 -35.26 34.87
C2 EDO T . -7.38 -35.16 34.66
O2 EDO T . -8.19 -36.32 34.30
C5 T9D U . -17.92 39.17 0.41
C6 T9D U . -18.74 40.01 -0.40
C7 T9D U . -19.59 39.45 -1.40
C10 T9D U . -18.13 37.77 0.17
N12 T9D U . -18.90 41.38 -0.27
C13 T9D U . -19.75 42.31 -1.05
C15 T9D U . -20.75 44.73 -0.43
C17 T9D U . -19.91 45.62 1.69
C20 T9D U . -18.46 42.18 0.89
C22 T9D U . -19.83 46.23 4.12
C24 T9D U . -22.26 46.81 4.43
C26 T9D U . -20.51 48.52 4.92
F1 T9D U . -17.39 39.63 2.72
C2 T9D U . -16.89 39.55 1.46
F3 T9D U . -15.98 38.51 1.37
F4 T9D U . -16.20 40.72 1.18
N8 T9D U . -19.63 38.18 -1.65
N9 T9D U . -18.95 37.29 -0.78
O11 T9D U . -17.64 36.87 0.81
C14 T9D U . -19.98 43.57 -0.24
C16 T9D U . -20.70 45.74 0.54
C18 T9D U . -19.18 44.46 1.83
C19 T9D U . -19.21 43.47 0.89
O21 T9D U . -19.84 46.58 2.70
C23 T9D U . -21.20 45.72 4.61
N25 T9D U . -21.87 48.01 5.20
C27 T9D U . -19.43 47.41 5.02
C1 GOL V . -19.74 35.68 -6.44
O1 GOL V . -20.83 35.65 -5.52
C2 GOL V . -20.20 35.54 -7.88
O2 GOL V . -20.61 36.83 -8.35
C3 GOL V . -19.13 34.97 -8.80
O3 GOL V . -19.58 33.86 -9.59
C1 PEG W . -8.49 12.92 -9.25
O1 PEG W . -8.19 11.56 -9.25
C2 PEG W . -9.38 13.29 -8.11
O2 PEG W . -8.66 14.04 -7.16
C3 PEG W . -8.23 13.27 -6.05
C4 PEG W . -8.44 14.03 -4.79
O4 PEG W . -7.69 13.54 -3.68
C1 EDO X . -12.88 20.21 9.64
O1 EDO X . -12.48 20.77 10.89
C2 EDO X . -11.73 19.90 8.75
O2 EDO X . -11.99 18.83 7.86
#